data_5XJA
#
_entry.id   5XJA
#
_cell.length_a   91.098
_cell.length_b   166.989
_cell.length_c   74.991
_cell.angle_alpha   90.000
_cell.angle_beta   90.000
_cell.angle_gamma   90.000
#
_symmetry.space_group_name_H-M   'P 21 21 2'
#
loop_
_entity.id
_entity.type
_entity.pdbx_description
1 polymer 'Kinesin-like protein KIF2C'
2 non-polymer 'MAGNESIUM ION'
3 non-polymer "ADENOSINE-5'-DIPHOSPHATE"
4 non-polymer 'ALUMINUM FLUORIDE'
5 water water
#
_entity_poly.entity_id   1
_entity_poly.type   'polypeptide(L)'
_entity_poly.pdbx_seq_one_letter_code
;MASMTGGQQMGRDPNSSVRRKSCIVKEMEKMKNKREEKRAQNSELRIKRAQEYDSSFPNWEFARMIKEFRVTMECSPLTV
TDPIEEHRICVCVRKRPLNKQELAKKEIDVISVPSKCLLLVHEPKLKVDLTKYLENQAFCFDFAFDETASNEVVYRFTAR
PLVQTIFEGGKATCFAYGQTGSGKTHTMGGDLSGKSQNASKGIYAMASRDVFLLKNQPRYRNLNLEVYVTFFEIYNGKVF
DLLNKKAKLRVLEDSRQQVQVVGLQEYLVTCADDVIKMINMGSACRTSGQTFANSNSSRSHACFQILLRTKGRLHGKFSL
VDLAGNERGADTSSADRQTRMEGAEINKSLLALKECIRALGQNKAHTPFRESKLTQVLRDSFIGENSRTCMIAMISPGIS
SCEYTLNTLRYADRVKELSHHHHHHH
;
_entity_poly.pdbx_strand_id   A,B
#
loop_
_chem_comp.id
_chem_comp.type
_chem_comp.name
_chem_comp.formula
ADP non-polymer ADENOSINE-5'-DIPHOSPHATE 'C10 H15 N5 O10 P2'
AF3 non-polymer 'ALUMINUM FLUORIDE' 'Al F3'
MG non-polymer 'MAGNESIUM ION' 'Mg 2'
#
# COMPACT_ATOMS: atom_id res chain seq x y z
N PRO A 58 -18.05 -34.41 0.44
CA PRO A 58 -17.71 -33.66 -0.75
C PRO A 58 -16.32 -34.04 -1.33
N ASN A 59 -15.94 -33.37 -2.44
CA ASN A 59 -14.56 -33.35 -3.01
C ASN A 59 -13.81 -32.07 -2.57
N TRP A 60 -14.11 -31.58 -1.40
CA TRP A 60 -13.62 -30.27 -0.88
C TRP A 60 -12.16 -29.86 -1.15
N GLU A 61 -11.22 -30.80 -1.15
CA GLU A 61 -9.79 -30.46 -1.43
C GLU A 61 -9.68 -29.82 -2.81
N PHE A 62 -10.33 -30.48 -3.76
CA PHE A 62 -10.41 -30.00 -5.14
C PHE A 62 -11.08 -28.64 -5.19
N ALA A 63 -12.18 -28.51 -4.45
CA ALA A 63 -12.95 -27.25 -4.35
C ALA A 63 -12.17 -26.06 -3.79
N ARG A 64 -11.37 -26.39 -2.79
CA ARG A 64 -10.45 -25.47 -2.12
C ARG A 64 -9.35 -25.03 -3.09
N MET A 65 -8.74 -26.02 -3.76
CA MET A 65 -7.67 -25.75 -4.75
C MET A 65 -8.15 -24.88 -5.90
N ILE A 66 -9.38 -25.16 -6.33
CA ILE A 66 -10.11 -24.43 -7.35
C ILE A 66 -10.39 -23.01 -6.89
N LYS A 67 -10.97 -22.86 -5.70
CA LYS A 67 -11.16 -21.52 -5.10
C LYS A 67 -9.85 -20.73 -5.09
N GLU A 68 -8.81 -21.30 -4.50
CA GLU A 68 -7.49 -20.63 -4.42
C GLU A 68 -7.03 -20.15 -5.80
N PHE A 69 -7.21 -21.00 -6.80
CA PHE A 69 -6.91 -20.61 -8.17
C PHE A 69 -7.75 -19.40 -8.56
N ARG A 70 -9.06 -19.51 -8.42
CA ARG A 70 -10.04 -18.49 -8.80
C ARG A 70 -9.79 -17.09 -8.19
N VAL A 71 -9.51 -17.13 -6.91
CA VAL A 71 -9.29 -15.93 -6.15
C VAL A 71 -8.07 -15.20 -6.69
N THR A 72 -6.96 -15.92 -6.78
CA THR A 72 -5.72 -15.37 -7.39
C THR A 72 -5.89 -14.81 -8.82
N MET A 73 -6.79 -15.44 -9.57
CA MET A 73 -7.03 -15.20 -11.01
C MET A 73 -7.72 -13.87 -11.20
N GLU A 74 -8.41 -13.34 -10.22
CA GLU A 74 -8.91 -12.03 -10.48
C GLU A 74 -8.13 -10.82 -9.99
N CYS A 75 -7.34 -11.01 -8.95
CA CYS A 75 -6.74 -9.84 -8.26
C CYS A 75 -6.30 -8.53 -8.93
N SER A 76 -6.70 -7.45 -8.24
CA SER A 76 -6.20 -6.09 -8.45
C SER A 76 -4.76 -6.05 -7.90
N PRO A 77 -3.92 -5.10 -8.38
CA PRO A 77 -2.62 -4.89 -7.70
C PRO A 77 -2.76 -4.30 -6.29
N LEU A 78 -4.00 -3.97 -5.89
CA LEU A 78 -4.37 -3.57 -4.53
C LEU A 78 -4.31 -4.64 -3.43
N THR A 79 -4.00 -5.89 -3.77
CA THR A 79 -4.01 -7.02 -2.81
C THR A 79 -2.70 -7.25 -2.06
N VAL A 80 -1.56 -7.20 -2.75
CA VAL A 80 -0.21 -7.33 -2.10
C VAL A 80 0.20 -6.00 -1.44
N THR A 81 -0.10 -4.90 -2.12
CA THR A 81 0.21 -3.53 -1.66
C THR A 81 -0.89 -2.94 -0.73
N ASP A 82 -1.76 -3.83 -0.24
CA ASP A 82 -2.86 -3.45 0.65
C ASP A 82 -2.38 -3.18 2.04
N PRO A 83 -2.95 -2.19 2.69
CA PRO A 83 -2.64 -1.98 4.10
C PRO A 83 -3.64 -2.77 4.91
N ILE A 84 -3.35 -3.16 6.14
CA ILE A 84 -4.36 -3.86 6.94
C ILE A 84 -4.79 -5.25 6.51
N GLU A 85 -3.96 -5.95 5.76
CA GLU A 85 -4.24 -7.36 5.40
C GLU A 85 -3.01 -8.24 5.49
N GLU A 86 -1.83 -7.63 5.39
CA GLU A 86 -0.54 -8.30 5.46
C GLU A 86 -0.34 -9.53 4.53
N HIS A 87 -0.13 -9.23 3.25
CA HIS A 87 0.19 -10.26 2.28
C HIS A 87 1.65 -10.67 2.57
N ARG A 88 1.82 -11.63 3.48
CA ARG A 88 3.17 -12.07 3.90
C ARG A 88 4.01 -12.75 2.81
N ILE A 89 3.33 -13.49 1.93
CA ILE A 89 3.97 -14.29 0.92
C ILE A 89 3.45 -13.85 -0.42
N CYS A 90 4.35 -13.55 -1.33
CA CYS A 90 4.01 -13.04 -2.64
C CYS A 90 4.77 -13.87 -3.62
N VAL A 91 4.06 -14.44 -4.57
CA VAL A 91 4.66 -15.31 -5.56
C VAL A 91 4.39 -14.74 -6.93
N CYS A 92 5.43 -14.65 -7.74
CA CYS A 92 5.33 -14.10 -9.10
C CYS A 92 6.08 -14.92 -10.10
N VAL A 93 5.78 -14.64 -11.34
CA VAL A 93 6.41 -15.31 -12.44
C VAL A 93 6.80 -14.27 -13.46
N ARG A 94 7.89 -14.53 -14.17
CA ARG A 94 8.37 -13.59 -15.15
C ARG A 94 8.94 -14.28 -16.36
N LYS A 95 8.20 -14.16 -17.47
CA LYS A 95 8.62 -14.67 -18.77
C LYS A 95 9.63 -13.73 -19.41
N ARG A 96 10.80 -14.24 -19.74
CA ARG A 96 11.78 -13.43 -20.44
C ARG A 96 11.56 -13.71 -21.89
N PRO A 97 12.02 -12.80 -22.78
CA PRO A 97 11.86 -13.07 -24.21
C PRO A 97 12.85 -14.11 -24.70
N LEU A 98 12.58 -14.71 -25.85
CA LEU A 98 13.58 -15.56 -26.52
C LEU A 98 14.68 -14.67 -26.99
N ASN A 99 15.92 -15.15 -26.84
CA ASN A 99 17.13 -14.43 -27.25
C ASN A 99 17.52 -14.84 -28.67
N LYS A 100 18.54 -14.18 -29.19
CA LYS A 100 18.87 -14.36 -30.60
C LYS A 100 19.44 -15.73 -30.90
N GLN A 101 20.21 -16.32 -29.99
CA GLN A 101 20.73 -17.71 -30.18
C GLN A 101 19.59 -18.70 -30.24
N GLU A 102 18.61 -18.45 -29.38
CA GLU A 102 17.41 -19.27 -29.30
C GLU A 102 16.60 -19.11 -30.58
N LEU A 103 16.44 -17.87 -31.03
CA LEU A 103 15.78 -17.57 -32.33
C LEU A 103 16.55 -18.25 -33.45
N ALA A 104 17.85 -18.00 -33.48
CA ALA A 104 18.81 -18.64 -34.39
C ALA A 104 18.67 -20.17 -34.50
N LYS A 105 18.35 -20.81 -33.40
CA LYS A 105 18.02 -22.25 -33.42
C LYS A 105 16.51 -22.55 -33.63
N LYS A 106 15.79 -21.60 -34.19
CA LYS A 106 14.34 -21.68 -34.48
C LYS A 106 13.47 -22.26 -33.33
N GLU A 107 13.74 -21.75 -32.13
CA GLU A 107 12.98 -22.11 -30.92
C GLU A 107 11.63 -21.45 -30.96
N ILE A 108 10.62 -22.20 -30.54
CA ILE A 108 9.23 -21.78 -30.58
C ILE A 108 8.97 -21.24 -29.18
N ASP A 109 8.51 -19.99 -29.08
CA ASP A 109 7.97 -19.43 -27.81
C ASP A 109 6.65 -20.09 -27.44
N VAL A 110 6.69 -20.91 -26.38
CA VAL A 110 5.52 -21.70 -25.93
C VAL A 110 4.82 -21.15 -24.67
N ILE A 111 5.12 -19.90 -24.33
CA ILE A 111 4.57 -19.23 -23.14
C ILE A 111 3.79 -17.97 -23.50
N SER A 112 2.60 -17.86 -22.94
CA SER A 112 1.76 -16.67 -23.08
C SER A 112 1.26 -16.17 -21.73
N VAL A 113 1.10 -14.86 -21.66
CA VAL A 113 0.77 -14.17 -20.40
C VAL A 113 -0.34 -13.25 -20.76
N PRO A 114 -1.55 -13.77 -20.81
CA PRO A 114 -2.68 -13.01 -21.31
C PRO A 114 -3.27 -12.00 -20.32
N SER A 115 -3.02 -12.16 -19.04
CA SER A 115 -3.46 -11.18 -18.06
C SER A 115 -2.35 -10.90 -17.06
N LYS A 116 -2.54 -9.95 -16.17
CA LYS A 116 -1.55 -9.66 -15.12
C LYS A 116 -1.37 -10.79 -14.14
N CYS A 117 -2.45 -11.52 -13.89
CA CYS A 117 -2.46 -12.64 -12.94
C CYS A 117 -2.49 -14.03 -13.59
N LEU A 118 -2.18 -14.20 -14.88
CA LEU A 118 -2.27 -15.54 -15.58
C LEU A 118 -1.16 -15.82 -16.54
N LEU A 119 -0.71 -17.06 -16.56
CA LEU A 119 0.37 -17.50 -17.42
C LEU A 119 -0.02 -18.84 -17.97
N LEU A 120 0.27 -19.00 -19.26
CA LEU A 120 -0.12 -20.16 -20.07
C LEU A 120 1.09 -20.85 -20.67
N VAL A 121 1.14 -22.17 -20.56
CA VAL A 121 2.15 -23.01 -21.19
C VAL A 121 1.47 -23.80 -22.28
N HIS A 122 1.89 -23.55 -23.52
CA HIS A 122 1.40 -24.24 -24.70
C HIS A 122 2.24 -25.46 -24.89
N GLU A 123 1.97 -26.49 -24.07
CA GLU A 123 2.78 -27.72 -23.95
C GLU A 123 2.61 -28.51 -25.21
N PRO A 124 3.67 -28.65 -26.01
CA PRO A 124 3.54 -29.40 -27.24
C PRO A 124 3.50 -30.86 -26.93
N LYS A 125 2.69 -31.60 -27.66
CA LYS A 125 2.46 -33.01 -27.40
C LYS A 125 2.20 -33.78 -28.69
N LEU A 126 2.55 -35.07 -28.67
CA LEU A 126 2.18 -35.99 -29.72
C LEU A 126 1.17 -36.95 -29.14
N LYS A 127 0.10 -37.18 -29.89
CA LYS A 127 -0.82 -38.26 -29.61
C LYS A 127 -0.07 -39.53 -29.93
N VAL A 128 -0.58 -40.67 -29.46
CA VAL A 128 0.12 -41.97 -29.65
C VAL A 128 0.41 -42.30 -31.13
N ASP A 129 -0.53 -41.89 -31.97
CA ASP A 129 -0.40 -42.02 -33.42
C ASP A 129 0.43 -40.95 -34.13
N LEU A 130 1.28 -40.24 -33.39
CA LEU A 130 2.12 -39.11 -33.88
C LEU A 130 1.48 -37.73 -34.15
N THR A 131 0.15 -37.66 -34.08
CA THR A 131 -0.59 -36.42 -34.31
C THR A 131 -0.19 -35.31 -33.34
N LYS A 132 0.13 -34.13 -33.85
CA LYS A 132 0.58 -33.02 -32.98
C LYS A 132 -0.58 -32.25 -32.32
N TYR A 133 -0.42 -31.97 -31.03
CA TYR A 133 -1.41 -31.13 -30.33
C TYR A 133 -0.82 -30.34 -29.15
N LEU A 134 -1.64 -29.43 -28.61
CA LEU A 134 -1.23 -28.66 -27.46
C LEU A 134 -2.04 -29.11 -26.28
N GLU A 135 -1.38 -29.13 -25.12
CA GLU A 135 -2.06 -29.13 -23.85
C GLU A 135 -1.77 -27.77 -23.21
N ASN A 136 -2.74 -26.87 -23.28
CA ASN A 136 -2.57 -25.48 -22.88
C ASN A 136 -2.87 -25.31 -21.41
N GLN A 137 -1.82 -25.13 -20.64
CA GLN A 137 -1.93 -25.23 -19.20
C GLN A 137 -1.85 -23.87 -18.60
N ALA A 138 -2.72 -23.61 -17.65
CA ALA A 138 -2.86 -22.31 -17.04
C ALA A 138 -2.39 -22.33 -15.61
N PHE A 139 -1.63 -21.32 -15.25
CA PHE A 139 -1.21 -21.07 -13.88
C PHE A 139 -1.52 -19.62 -13.57
N CYS A 140 -1.92 -19.34 -12.35
CA CYS A 140 -2.21 -17.98 -11.93
C CYS A 140 -1.30 -17.61 -10.79
N PHE A 141 -0.75 -16.41 -10.83
CA PHE A 141 0.09 -15.86 -9.74
C PHE A 141 -0.36 -14.45 -9.31
N ASP A 142 0.26 -13.96 -8.24
CA ASP A 142 -0.02 -12.62 -7.75
C ASP A 142 0.29 -11.64 -8.84
N PHE A 143 1.48 -11.76 -9.40
CA PHE A 143 1.82 -11.06 -10.64
C PHE A 143 2.50 -11.96 -11.64
N ALA A 144 2.20 -11.68 -12.91
CA ALA A 144 2.74 -12.37 -14.03
C ALA A 144 3.22 -11.34 -15.03
N PHE A 145 4.51 -11.38 -15.31
CA PHE A 145 5.13 -10.38 -16.18
C PHE A 145 5.55 -11.01 -17.49
N ASP A 146 5.19 -10.39 -18.61
CA ASP A 146 5.46 -10.99 -19.92
C ASP A 146 6.78 -10.50 -20.44
N GLU A 147 7.10 -10.86 -21.67
CA GLU A 147 8.42 -10.56 -22.25
C GLU A 147 8.70 -9.08 -22.51
N THR A 148 7.74 -8.19 -22.25
CA THR A 148 7.92 -6.72 -22.36
C THR A 148 8.22 -6.03 -21.04
N ALA A 149 7.89 -6.67 -19.94
CA ALA A 149 8.00 -6.05 -18.65
C ALA A 149 9.46 -5.85 -18.35
N SER A 150 9.79 -4.66 -17.87
CA SER A 150 11.18 -4.31 -17.53
C SER A 150 11.47 -4.64 -16.10
N ASN A 151 12.73 -4.54 -15.75
CA ASN A 151 13.15 -4.70 -14.33
C ASN A 151 12.44 -3.73 -13.38
N GLU A 152 12.32 -2.47 -13.79
CA GLU A 152 11.66 -1.43 -12.98
C GLU A 152 10.18 -1.75 -12.75
N VAL A 153 9.55 -2.29 -13.78
CA VAL A 153 8.16 -2.74 -13.67
C VAL A 153 8.03 -3.92 -12.69
N VAL A 154 8.88 -4.92 -12.90
CA VAL A 154 8.91 -6.11 -12.05
C VAL A 154 9.21 -5.71 -10.61
N TYR A 155 10.22 -4.89 -10.44
CA TYR A 155 10.59 -4.32 -9.12
C TYR A 155 9.35 -3.67 -8.42
N ARG A 156 8.59 -2.86 -9.16
CA ARG A 156 7.42 -2.12 -8.61
C ARG A 156 6.41 -2.98 -7.80
N PHE A 157 6.31 -4.27 -8.14
CA PHE A 157 5.28 -5.18 -7.59
C PHE A 157 5.78 -6.40 -6.82
N THR A 158 7.09 -6.57 -6.81
CA THR A 158 7.72 -7.69 -6.15
C THR A 158 8.40 -7.20 -4.89
N ALA A 159 9.49 -6.47 -5.07
CA ALA A 159 10.41 -6.10 -3.99
C ALA A 159 10.05 -4.77 -3.36
N ARG A 160 9.67 -3.82 -4.19
CA ARG A 160 9.43 -2.46 -3.72
C ARG A 160 8.50 -2.37 -2.52
N PRO A 161 7.29 -2.97 -2.59
CA PRO A 161 6.40 -3.07 -1.44
C PRO A 161 7.05 -3.47 -0.14
N LEU A 162 7.98 -4.42 -0.23
CA LEU A 162 8.78 -4.88 0.93
C LEU A 162 9.83 -3.92 1.52
N VAL A 163 10.24 -2.92 0.75
CA VAL A 163 11.16 -1.91 1.26
C VAL A 163 10.57 -1.28 2.50
N GLN A 164 9.40 -0.66 2.38
CA GLN A 164 8.76 -0.09 3.57
C GLN A 164 8.78 -1.02 4.82
N THR A 165 8.64 -2.34 4.64
CA THR A 165 8.62 -3.28 5.75
C THR A 165 9.86 -3.16 6.65
N ILE A 166 11.03 -2.90 6.08
CA ILE A 166 12.26 -2.72 6.89
C ILE A 166 12.29 -1.44 7.74
N PHE A 167 11.87 -0.33 7.14
CA PHE A 167 11.65 0.94 7.85
C PHE A 167 10.53 0.90 8.91
N GLU A 168 9.67 -0.12 8.85
CA GLU A 168 8.70 -0.46 9.91
C GLU A 168 9.27 -1.47 10.93
N GLY A 169 10.59 -1.62 10.98
CA GLY A 169 11.23 -2.60 11.89
C GLY A 169 10.98 -4.07 11.54
N GLY A 170 10.85 -4.30 10.25
CA GLY A 170 10.46 -5.60 9.74
C GLY A 170 11.54 -6.23 8.90
N LYS A 171 11.41 -7.54 8.71
CA LYS A 171 12.36 -8.32 7.93
C LYS A 171 11.72 -8.71 6.62
N ALA A 172 12.53 -8.68 5.56
CA ALA A 172 12.09 -8.95 4.21
C ALA A 172 13.10 -9.83 3.50
N THR A 173 12.58 -10.66 2.61
CA THR A 173 13.36 -11.50 1.71
C THR A 173 12.74 -11.42 0.35
N CYS A 174 13.56 -11.42 -0.69
CA CYS A 174 13.06 -11.52 -2.04
C CYS A 174 13.93 -12.43 -2.92
N PHE A 175 13.38 -13.57 -3.31
CA PHE A 175 14.06 -14.61 -4.08
C PHE A 175 13.75 -14.59 -5.56
N ALA A 176 14.80 -14.75 -6.36
CA ALA A 176 14.70 -15.07 -7.79
C ALA A 176 14.95 -16.56 -7.93
N TYR A 177 13.93 -17.26 -8.40
CA TYR A 177 13.94 -18.72 -8.53
C TYR A 177 13.76 -19.13 -10.00
N GLY A 178 14.34 -20.26 -10.38
CA GLY A 178 14.15 -20.78 -11.74
C GLY A 178 15.37 -21.38 -12.40
N GLN A 179 15.15 -21.94 -13.59
CA GLN A 179 16.25 -22.63 -14.34
C GLN A 179 17.33 -21.70 -14.74
N THR A 180 18.45 -22.31 -15.08
CA THR A 180 19.65 -21.60 -15.48
C THR A 180 19.34 -20.96 -16.83
N GLY A 181 19.93 -19.79 -17.05
CA GLY A 181 19.63 -18.92 -18.19
C GLY A 181 18.23 -18.28 -18.30
N SER A 182 17.50 -18.32 -17.20
CA SER A 182 16.12 -17.86 -17.15
C SER A 182 15.91 -16.38 -16.80
N GLY A 183 16.93 -15.77 -16.19
CA GLY A 183 16.93 -14.31 -15.81
C GLY A 183 17.00 -13.90 -14.36
N LYS A 184 17.46 -14.79 -13.52
CA LYS A 184 17.49 -14.53 -12.09
C LYS A 184 18.43 -13.35 -11.79
N THR A 185 19.64 -13.49 -12.28
CA THR A 185 20.66 -12.47 -12.08
C THR A 185 20.29 -11.23 -12.88
N HIS A 186 19.88 -11.39 -14.13
CA HIS A 186 19.44 -10.23 -14.89
C HIS A 186 18.50 -9.35 -14.05
N THR A 187 17.52 -9.98 -13.41
CA THR A 187 16.53 -9.29 -12.56
C THR A 187 17.16 -8.68 -11.33
N MET A 188 17.91 -9.50 -10.60
CA MET A 188 18.49 -9.10 -9.30
C MET A 188 19.77 -8.25 -9.33
N GLY A 189 20.76 -8.76 -10.06
CA GLY A 189 22.05 -8.08 -10.28
C GLY A 189 21.84 -6.88 -11.17
N GLY A 190 21.52 -7.14 -12.42
CA GLY A 190 21.27 -6.09 -13.40
C GLY A 190 21.51 -6.61 -14.79
N ASP A 191 21.21 -5.80 -15.80
CA ASP A 191 21.33 -6.25 -17.19
C ASP A 191 22.68 -6.98 -17.49
N LEU A 192 22.54 -8.26 -17.86
CA LEU A 192 23.63 -9.12 -18.37
C LEU A 192 23.43 -9.18 -19.89
N GLN A 197 28.41 -5.66 -16.23
CA GLN A 197 26.96 -5.66 -16.14
C GLN A 197 26.42 -4.35 -15.56
N ASN A 198 25.11 -4.26 -15.58
CA ASN A 198 24.37 -3.09 -15.12
C ASN A 198 23.82 -3.14 -13.68
N ALA A 199 24.69 -3.02 -12.69
CA ALA A 199 24.21 -3.06 -11.29
C ALA A 199 22.98 -2.16 -11.06
N SER A 200 22.96 -0.96 -11.68
CA SER A 200 21.90 0.08 -11.52
C SER A 200 20.49 -0.19 -12.10
N LYS A 201 20.42 -1.14 -13.02
CA LYS A 201 19.21 -1.56 -13.70
C LYS A 201 18.61 -2.83 -13.10
N GLY A 202 19.12 -3.24 -11.96
CA GLY A 202 18.66 -4.45 -11.24
C GLY A 202 18.14 -4.20 -9.84
N ILE A 203 17.20 -5.04 -9.42
CA ILE A 203 16.52 -4.92 -8.11
C ILE A 203 17.41 -4.58 -6.93
N TYR A 204 18.62 -5.18 -6.85
CA TYR A 204 19.54 -4.91 -5.71
C TYR A 204 19.68 -3.40 -5.57
N ALA A 205 20.05 -2.76 -6.70
CA ALA A 205 20.23 -1.30 -6.77
C ALA A 205 18.96 -0.53 -6.54
N MET A 206 17.90 -0.96 -7.21
CA MET A 206 16.58 -0.31 -7.19
C MET A 206 16.00 -0.23 -5.80
N ALA A 207 16.15 -1.32 -5.07
CA ALA A 207 15.67 -1.43 -3.69
C ALA A 207 16.41 -0.41 -2.86
N SER A 208 17.70 -0.32 -3.14
CA SER A 208 18.62 0.58 -2.42
C SER A 208 18.27 2.05 -2.68
N ARG A 209 18.22 2.42 -3.96
CA ARG A 209 17.72 3.73 -4.40
C ARG A 209 16.60 4.17 -3.47
N ASP A 210 15.59 3.31 -3.33
CA ASP A 210 14.38 3.60 -2.54
C ASP A 210 14.55 3.42 -1.04
N VAL A 211 15.53 2.67 -0.60
CA VAL A 211 15.91 2.72 0.82
C VAL A 211 16.36 4.13 1.20
N PHE A 212 17.19 4.77 0.38
CA PHE A 212 17.69 6.14 0.68
C PHE A 212 16.56 7.19 0.63
N LEU A 213 15.73 7.11 -0.41
CA LEU A 213 14.53 7.93 -0.52
C LEU A 213 13.62 7.85 0.70
N LEU A 214 13.44 6.66 1.25
CA LEU A 214 12.58 6.52 2.43
C LEU A 214 13.13 7.08 3.72
N LYS A 215 14.45 7.25 3.80
CA LYS A 215 15.12 7.83 4.97
C LYS A 215 14.97 9.36 5.07
N ASN A 216 15.04 10.01 3.91
CA ASN A 216 14.82 11.47 3.75
C ASN A 216 13.40 11.97 3.85
N GLN A 217 12.45 11.05 3.91
CA GLN A 217 11.09 11.43 4.22
C GLN A 217 11.03 11.78 5.71
N PRO A 218 10.21 12.79 6.06
CA PRO A 218 9.94 13.15 7.45
C PRO A 218 9.64 11.95 8.33
N ARG A 219 8.54 11.25 8.05
CA ARG A 219 8.14 10.09 8.88
C ARG A 219 9.27 9.19 9.40
N TYR A 220 10.33 9.01 8.59
CA TYR A 220 11.47 8.10 8.92
C TYR A 220 12.82 8.81 9.14
N ARG A 221 12.81 10.11 9.40
CA ARG A 221 14.06 10.88 9.60
C ARG A 221 14.51 10.95 11.07
N ASN A 222 13.54 10.95 11.96
CA ASN A 222 13.78 10.89 13.41
C ASN A 222 14.25 9.50 13.92
N LEU A 223 14.52 8.54 13.05
CA LEU A 223 15.01 7.20 13.47
C LEU A 223 16.55 7.13 13.68
N ASN A 224 17.26 8.12 13.15
CA ASN A 224 18.74 8.18 13.10
C ASN A 224 19.33 6.86 12.64
N LEU A 225 19.28 6.66 11.33
CA LEU A 225 19.61 5.38 10.74
C LEU A 225 20.96 5.41 9.99
N GLU A 226 21.65 4.27 10.07
CA GLU A 226 22.79 3.97 9.21
C GLU A 226 22.37 2.83 8.28
N VAL A 227 22.73 2.98 7.02
CA VAL A 227 22.43 1.98 6.00
C VAL A 227 23.67 1.13 5.79
N TYR A 228 23.58 -0.14 6.18
CA TYR A 228 24.63 -1.14 5.91
C TYR A 228 24.23 -2.12 4.84
N VAL A 229 25.24 -2.77 4.30
CA VAL A 229 25.11 -3.59 3.10
C VAL A 229 26.08 -4.79 3.15
N THR A 230 25.56 -5.99 2.99
CA THR A 230 26.40 -7.18 2.82
C THR A 230 26.16 -7.82 1.45
N PHE A 231 27.03 -8.76 1.11
CA PHE A 231 26.92 -9.49 -0.16
C PHE A 231 27.78 -10.77 -0.06
N PHE A 232 27.15 -11.93 -0.23
CA PHE A 232 27.86 -13.20 -0.13
C PHE A 232 27.35 -14.31 -1.00
N GLU A 233 28.23 -15.26 -1.25
CA GLU A 233 27.88 -16.43 -2.03
C GLU A 233 27.80 -17.71 -1.21
N ILE A 234 26.82 -18.56 -1.49
CA ILE A 234 26.60 -19.85 -0.81
C ILE A 234 26.75 -20.96 -1.84
N TYR A 235 27.78 -21.78 -1.65
CA TYR A 235 28.21 -22.76 -2.63
C TYR A 235 28.69 -23.99 -1.92
N ASN A 236 27.98 -25.08 -2.09
CA ASN A 236 28.31 -26.35 -1.41
C ASN A 236 28.49 -26.16 0.08
N GLY A 237 27.42 -25.73 0.75
CA GLY A 237 27.42 -25.61 2.23
C GLY A 237 28.37 -24.60 2.88
N LYS A 238 29.12 -23.87 2.06
CA LYS A 238 30.18 -22.96 2.53
C LYS A 238 29.81 -21.55 2.08
N VAL A 239 29.82 -20.61 3.00
CA VAL A 239 29.57 -19.18 2.72
C VAL A 239 30.87 -18.47 2.33
N PHE A 240 30.79 -17.48 1.45
CA PHE A 240 31.97 -16.71 1.01
C PHE A 240 31.61 -15.24 0.84
N ASP A 241 32.33 -14.35 1.52
CA ASP A 241 32.03 -12.90 1.50
C ASP A 241 32.53 -12.29 0.20
N LEU A 242 31.63 -11.73 -0.60
CA LEU A 242 31.97 -11.20 -1.93
C LEU A 242 32.63 -9.81 -1.85
N LEU A 243 32.37 -9.16 -0.72
CA LEU A 243 32.92 -7.84 -0.42
C LEU A 243 34.33 -7.95 0.25
N ASN A 244 34.73 -9.16 0.58
CA ASN A 244 36.01 -9.44 1.27
C ASN A 244 36.83 -10.54 0.56
N LYS A 245 36.93 -10.40 -0.74
CA LYS A 245 37.74 -11.28 -1.60
C LYS A 245 37.37 -12.77 -1.44
N LYS A 246 36.09 -13.10 -1.43
CA LYS A 246 35.62 -14.52 -1.31
C LYS A 246 36.18 -15.27 -0.09
N ALA A 247 36.26 -14.54 1.01
CA ALA A 247 36.78 -15.11 2.24
C ALA A 247 35.78 -16.08 2.87
N LYS A 248 36.18 -17.34 3.07
CA LYS A 248 35.30 -18.41 3.59
C LYS A 248 34.92 -18.26 5.06
N LEU A 249 33.65 -18.02 5.27
CA LEU A 249 33.16 -17.65 6.58
C LEU A 249 32.51 -18.84 7.24
N ARG A 250 32.40 -18.74 8.56
CA ARG A 250 31.82 -19.80 9.36
C ARG A 250 30.54 -19.39 10.04
N VAL A 251 29.61 -20.33 10.01
CA VAL A 251 28.25 -20.11 10.39
C VAL A 251 28.00 -20.83 11.71
N LEU A 252 27.60 -20.05 12.70
CA LEU A 252 27.47 -20.51 14.08
C LEU A 252 26.07 -20.38 14.48
N GLU A 253 25.51 -21.48 14.97
CA GLU A 253 24.23 -21.46 15.66
C GLU A 253 24.55 -21.55 17.16
N ASP A 254 23.85 -20.78 17.98
CA ASP A 254 24.00 -20.84 19.44
C ASP A 254 22.88 -21.71 20.11
N SER A 255 22.79 -21.67 21.43
CA SER A 255 21.77 -22.42 22.23
C SER A 255 20.35 -22.05 21.85
N ARG A 256 20.13 -20.75 21.69
CA ARG A 256 18.83 -20.22 21.27
C ARG A 256 18.37 -20.64 19.87
N GLN A 257 19.30 -21.18 19.07
CA GLN A 257 19.09 -21.54 17.66
C GLN A 257 19.00 -20.28 16.76
N GLN A 258 19.98 -19.39 16.97
CA GLN A 258 20.18 -18.12 16.26
C GLN A 258 21.51 -18.20 15.55
N VAL A 259 21.61 -17.54 14.41
CA VAL A 259 22.75 -17.74 13.51
C VAL A 259 23.61 -16.50 13.41
N GLN A 260 24.92 -16.73 13.30
CA GLN A 260 25.92 -15.68 13.07
C GLN A 260 26.81 -16.11 11.93
N VAL A 261 27.01 -15.22 10.95
CA VAL A 261 27.96 -15.45 9.87
C VAL A 261 29.22 -14.65 10.21
N VAL A 262 30.13 -15.33 10.88
CA VAL A 262 31.35 -14.74 11.42
C VAL A 262 32.19 -14.07 10.33
N GLY A 263 32.43 -12.78 10.51
CA GLY A 263 33.38 -12.04 9.66
C GLY A 263 32.77 -11.53 8.38
N LEU A 264 31.44 -11.60 8.34
CA LEU A 264 30.71 -11.13 7.20
C LEU A 264 30.83 -9.61 7.28
N GLN A 265 31.48 -9.03 6.29
CA GLN A 265 31.69 -7.59 6.26
C GLN A 265 30.42 -6.82 5.90
N GLU A 266 29.97 -5.97 6.83
CA GLU A 266 28.91 -4.99 6.59
C GLU A 266 29.41 -3.59 6.26
N TYR A 267 29.50 -3.25 4.99
CA TYR A 267 29.93 -1.91 4.59
C TYR A 267 28.82 -0.90 4.84
N LEU A 268 29.15 0.19 5.54
CA LEU A 268 28.25 1.36 5.64
C LEU A 268 28.17 2.03 4.28
N VAL A 269 26.98 2.53 3.94
CA VAL A 269 26.74 3.29 2.71
C VAL A 269 25.86 4.50 2.99
N THR A 270 25.92 5.46 2.06
CA THR A 270 25.21 6.75 2.22
C THR A 270 24.32 7.11 1.02
N CYS A 271 24.91 7.02 -0.17
CA CYS A 271 24.23 7.23 -1.44
C CYS A 271 24.00 5.92 -2.21
N ALA A 272 23.02 5.94 -3.10
CA ALA A 272 22.74 4.81 -3.98
C ALA A 272 23.96 4.38 -4.78
N ASP A 273 24.74 5.36 -5.24
CA ASP A 273 25.94 5.09 -6.06
C ASP A 273 27.02 4.29 -5.31
N ASP A 274 27.17 4.52 -4.01
CA ASP A 274 28.01 3.68 -3.14
C ASP A 274 27.59 2.22 -3.27
N VAL A 275 26.30 1.98 -3.14
CA VAL A 275 25.74 0.63 -3.18
C VAL A 275 25.98 -0.02 -4.54
N ILE A 276 25.71 0.73 -5.60
CA ILE A 276 26.01 0.31 -6.98
C ILE A 276 27.49 -0.10 -7.13
N LYS A 277 28.39 0.65 -6.48
CA LYS A 277 29.83 0.33 -6.48
C LYS A 277 30.10 -1.02 -5.81
N MET A 278 29.52 -1.21 -4.62
CA MET A 278 29.64 -2.46 -3.85
C MET A 278 29.09 -3.70 -4.58
N ILE A 279 27.90 -3.56 -5.14
CA ILE A 279 27.27 -4.62 -5.94
C ILE A 279 28.14 -5.05 -7.11
N ASN A 280 28.78 -4.06 -7.75
CA ASN A 280 29.70 -4.32 -8.86
C ASN A 280 31.01 -4.95 -8.45
N MET A 281 31.50 -4.62 -7.26
CA MET A 281 32.69 -5.25 -6.67
C MET A 281 32.35 -6.71 -6.44
N GLY A 282 31.26 -6.97 -5.73
CA GLY A 282 30.84 -8.35 -5.42
C GLY A 282 30.64 -9.26 -6.64
N SER A 283 29.89 -8.74 -7.61
CA SER A 283 29.64 -9.44 -8.87
C SER A 283 30.92 -9.69 -9.66
N ALA A 284 31.80 -8.71 -9.63
CA ALA A 284 33.09 -8.86 -10.28
C ALA A 284 33.83 -9.96 -9.56
N CYS A 285 34.05 -9.75 -8.25
CA CYS A 285 34.78 -10.70 -7.38
C CYS A 285 33.92 -11.92 -7.06
N ARG A 286 33.63 -12.66 -8.12
CA ARG A 286 32.84 -13.87 -8.08
C ARG A 286 33.14 -14.82 -9.25
N THR A 287 34.21 -14.62 -10.01
CA THR A 287 34.39 -15.34 -11.29
C THR A 287 35.84 -15.66 -11.63
N SER A 297 28.81 -20.00 -13.44
CA SER A 297 27.58 -19.12 -13.23
C SER A 297 26.64 -19.50 -12.00
N SER A 298 25.67 -20.44 -12.30
CA SER A 298 24.88 -21.22 -11.33
C SER A 298 25.72 -22.20 -10.55
N ARG A 299 25.01 -23.06 -9.81
CA ARG A 299 25.57 -23.97 -8.80
C ARG A 299 25.69 -23.31 -7.44
N SER A 300 25.43 -22.00 -7.39
CA SER A 300 25.57 -21.24 -6.17
C SER A 300 24.54 -20.14 -5.99
N HIS A 301 24.20 -19.94 -4.72
CA HIS A 301 23.27 -18.90 -4.35
C HIS A 301 24.05 -17.64 -4.10
N ALA A 302 23.44 -16.52 -4.38
CA ALA A 302 24.00 -15.20 -4.03
C ALA A 302 23.00 -14.41 -3.24
N CYS A 303 23.43 -13.79 -2.15
CA CYS A 303 22.53 -13.08 -1.27
C CYS A 303 23.11 -11.72 -0.94
N PHE A 304 22.41 -10.68 -1.38
CA PHE A 304 22.75 -9.29 -1.08
C PHE A 304 21.81 -8.75 -0.03
N GLN A 305 22.35 -8.28 1.08
CA GLN A 305 21.51 -7.78 2.17
C GLN A 305 21.66 -6.29 2.36
N ILE A 306 20.56 -5.70 2.85
CA ILE A 306 20.48 -4.27 3.19
C ILE A 306 19.99 -4.22 4.62
N LEU A 307 20.83 -3.65 5.47
CA LEU A 307 20.53 -3.55 6.90
C LEU A 307 20.41 -2.08 7.29
N LEU A 308 19.38 -1.79 8.09
CA LEU A 308 19.20 -0.50 8.71
C LEU A 308 19.53 -0.69 10.19
N ARG A 309 20.60 -0.07 10.62
CA ARG A 309 20.97 -0.03 12.03
C ARG A 309 20.76 1.39 12.56
N THR A 310 20.34 1.49 13.82
CA THR A 310 20.13 2.83 14.43
C THR A 310 21.37 3.15 15.24
N LYS A 311 21.57 2.41 16.31
CA LYS A 311 22.64 2.70 17.28
C LYS A 311 23.74 1.66 17.11
N GLY A 312 23.94 1.25 15.85
CA GLY A 312 24.51 -0.05 15.56
C GLY A 312 23.63 -1.25 15.98
N ARG A 313 22.46 -1.00 16.58
CA ARG A 313 21.42 -2.04 16.81
C ARG A 313 20.65 -2.15 15.47
N LEU A 314 20.26 -3.38 15.12
CA LEU A 314 19.57 -3.67 13.84
C LEU A 314 18.09 -3.34 13.93
N HIS A 315 17.66 -2.41 13.08
CA HIS A 315 16.25 -2.01 12.99
C HIS A 315 15.47 -2.98 12.07
N GLY A 316 15.91 -3.02 10.83
CA GLY A 316 15.28 -3.84 9.77
C GLY A 316 16.26 -4.34 8.72
N LYS A 317 15.89 -5.45 8.08
CA LYS A 317 16.78 -6.17 7.18
C LYS A 317 16.07 -6.68 5.93
N PHE A 318 16.61 -6.34 4.76
CA PHE A 318 16.12 -6.84 3.47
C PHE A 318 17.20 -7.69 2.81
N SER A 319 16.94 -8.99 2.74
CA SER A 319 17.84 -9.96 2.11
C SER A 319 17.33 -10.25 0.69
N LEU A 320 18.08 -9.82 -0.33
CA LEU A 320 17.77 -10.10 -1.75
C LEU A 320 18.63 -11.23 -2.36
N VAL A 321 18.00 -12.34 -2.72
CA VAL A 321 18.69 -13.58 -3.14
C VAL A 321 18.51 -14.04 -4.62
N ASP A 322 19.62 -14.31 -5.30
CA ASP A 322 19.65 -14.78 -6.67
C ASP A 322 20.00 -16.24 -6.51
N LEU A 323 19.00 -17.07 -6.37
CA LEU A 323 19.22 -18.54 -6.21
C LEU A 323 20.01 -19.25 -7.34
N ALA A 324 20.20 -20.55 -7.15
CA ALA A 324 20.89 -21.38 -8.12
C ALA A 324 19.86 -22.03 -9.02
N GLY A 325 20.41 -22.56 -10.12
CA GLY A 325 19.64 -23.35 -11.09
C GLY A 325 18.82 -24.50 -10.44
N ASN A 326 17.52 -24.53 -10.73
CA ASN A 326 16.60 -25.50 -10.12
C ASN A 326 16.45 -26.81 -10.88
N GLU A 327 17.44 -27.16 -11.70
CA GLU A 327 17.35 -28.34 -12.62
C GLU A 327 18.49 -29.29 -12.45
N ARG A 328 18.64 -29.71 -11.24
CA ARG A 328 19.77 -30.49 -10.93
C ARG A 328 19.27 -31.40 -9.88
N GLY A 329 18.40 -32.28 -10.32
CA GLY A 329 17.91 -33.28 -9.46
C GLY A 329 19.01 -34.24 -9.80
N ALA A 330 20.12 -33.71 -10.31
CA ALA A 330 21.24 -34.60 -10.65
C ALA A 330 20.96 -35.47 -11.85
N ARG A 337 25.51 -37.95 -12.98
CA ARG A 337 26.92 -38.49 -12.97
C ARG A 337 27.47 -38.75 -11.47
N GLN A 338 28.80 -38.60 -11.28
CA GLN A 338 29.36 -38.84 -9.95
C GLN A 338 30.40 -37.92 -9.36
N THR A 339 30.07 -37.28 -8.25
CA THR A 339 30.78 -36.14 -7.69
C THR A 339 30.73 -34.66 -7.92
N ARG A 340 29.99 -34.25 -8.95
CA ARG A 340 29.21 -33.07 -9.31
C ARG A 340 27.83 -33.26 -8.78
N MET A 341 27.82 -33.59 -7.49
CA MET A 341 26.53 -33.84 -6.83
C MET A 341 26.46 -32.83 -5.70
N GLU A 342 26.92 -31.65 -6.05
CA GLU A 342 26.47 -30.41 -5.48
C GLU A 342 24.95 -30.31 -5.68
N GLY A 343 24.45 -30.78 -6.83
CA GLY A 343 23.00 -30.88 -7.12
C GLY A 343 22.15 -31.52 -6.02
N ALA A 344 22.79 -32.34 -5.17
CA ALA A 344 22.20 -32.78 -3.92
C ALA A 344 21.98 -31.62 -2.98
N GLU A 345 23.05 -30.87 -2.69
CA GLU A 345 23.01 -29.65 -1.84
C GLU A 345 21.95 -28.66 -2.36
N ILE A 346 22.09 -28.30 -3.63
CA ILE A 346 21.17 -27.35 -4.28
C ILE A 346 19.71 -27.80 -4.04
N ASN A 347 19.44 -29.05 -4.32
CA ASN A 347 18.10 -29.59 -4.11
C ASN A 347 17.64 -29.43 -2.65
N LYS A 348 18.48 -29.85 -1.68
CA LYS A 348 18.10 -29.81 -0.24
C LYS A 348 17.74 -28.40 0.15
N SER A 349 18.50 -27.44 -0.36
CA SER A 349 18.27 -26.03 0.01
C SER A 349 16.97 -25.45 -0.54
N LEU A 350 16.71 -25.71 -1.81
CA LEU A 350 15.44 -25.31 -2.44
C LEU A 350 14.23 -25.97 -1.75
N LEU A 351 14.33 -27.25 -1.46
CA LEU A 351 13.29 -27.92 -0.67
C LEU A 351 13.15 -27.28 0.69
N ALA A 352 14.27 -26.91 1.28
CA ALA A 352 14.33 -26.26 2.60
C ALA A 352 13.63 -24.92 2.55
N LEU A 353 14.10 -24.10 1.62
CA LEU A 353 13.56 -22.78 1.35
C LEU A 353 12.02 -22.79 1.22
N LYS A 354 11.51 -23.68 0.37
CA LYS A 354 10.05 -23.91 0.29
C LYS A 354 9.41 -24.10 1.67
N GLU A 355 9.98 -24.96 2.51
CA GLU A 355 9.36 -25.30 3.82
C GLU A 355 9.43 -24.09 4.77
N CYS A 356 10.60 -23.49 4.84
CA CYS A 356 10.79 -22.19 5.52
C CYS A 356 9.74 -21.13 5.14
N ILE A 357 9.61 -20.86 3.86
CA ILE A 357 8.62 -19.92 3.38
C ILE A 357 7.22 -20.31 3.92
N ARG A 358 6.86 -21.57 3.88
CA ARG A 358 5.52 -21.96 4.27
C ARG A 358 5.33 -21.96 5.79
N ALA A 359 6.42 -21.87 6.53
CA ALA A 359 6.38 -21.67 8.00
C ALA A 359 6.07 -20.22 8.40
N LEU A 360 6.42 -19.30 7.50
CA LEU A 360 6.02 -17.89 7.58
C LEU A 360 4.53 -17.69 7.24
N GLY A 361 3.79 -18.78 7.00
CA GLY A 361 2.32 -18.80 7.08
C GLY A 361 1.84 -19.67 8.24
N GLN A 362 2.47 -19.52 9.42
CA GLN A 362 2.07 -20.18 10.69
C GLN A 362 2.99 -19.69 11.84
N PHE A 369 12.94 -27.77 8.15
CA PHE A 369 13.60 -29.08 8.27
C PHE A 369 14.55 -29.38 7.12
N ARG A 370 15.36 -30.42 7.29
CA ARG A 370 16.45 -30.78 6.36
C ARG A 370 17.29 -29.50 6.13
N GLU A 371 17.57 -28.81 7.24
CA GLU A 371 18.16 -27.46 7.22
C GLU A 371 19.33 -27.38 6.27
N SER A 372 19.35 -26.33 5.49
CA SER A 372 20.43 -26.07 4.58
C SER A 372 21.11 -24.80 5.02
N LYS A 373 22.28 -24.56 4.44
CA LYS A 373 23.12 -23.41 4.79
C LYS A 373 22.40 -22.12 4.47
N LEU A 374 21.71 -22.09 3.32
CA LEU A 374 20.86 -20.94 2.89
C LEU A 374 19.79 -20.55 3.91
N THR A 375 18.94 -21.51 4.25
CA THR A 375 17.85 -21.27 5.18
C THR A 375 18.27 -21.07 6.64
N GLN A 376 19.46 -21.58 6.94
CA GLN A 376 20.14 -21.32 8.22
C GLN A 376 20.53 -19.84 8.30
N VAL A 377 21.29 -19.39 7.32
CA VAL A 377 21.75 -17.98 7.24
C VAL A 377 20.57 -16.97 7.23
N LEU A 378 19.51 -17.31 6.50
CA LEU A 378 18.31 -16.48 6.43
C LEU A 378 17.23 -16.79 7.50
N ARG A 379 17.54 -17.62 8.47
CA ARG A 379 16.54 -18.12 9.42
C ARG A 379 15.76 -17.02 10.13
N ASP A 380 16.44 -15.94 10.49
CA ASP A 380 15.77 -14.77 11.17
C ASP A 380 14.66 -14.13 10.30
N SER A 381 14.94 -14.09 9.01
CA SER A 381 14.07 -13.45 8.05
C SER A 381 12.78 -14.26 7.70
N PHE A 382 12.60 -15.44 8.32
CA PHE A 382 11.33 -16.21 8.27
C PHE A 382 10.61 -16.30 9.62
N ILE A 383 11.35 -16.65 10.67
CA ILE A 383 10.81 -16.79 12.05
C ILE A 383 10.14 -15.52 12.62
N GLY A 384 10.51 -14.34 12.11
CA GLY A 384 10.06 -13.05 12.68
C GLY A 384 8.56 -12.79 12.77
N GLU A 385 8.20 -11.80 13.59
CA GLU A 385 6.78 -11.39 13.72
C GLU A 385 6.31 -10.56 12.51
N ASN A 386 6.92 -9.40 12.28
CA ASN A 386 6.73 -8.70 11.01
C ASN A 386 7.82 -9.17 10.06
N SER A 387 7.50 -10.19 9.29
CA SER A 387 8.39 -10.73 8.28
C SER A 387 7.57 -10.95 7.02
N ARG A 388 8.11 -10.54 5.88
CA ARG A 388 7.45 -10.66 4.58
C ARG A 388 8.42 -11.23 3.53
N THR A 389 7.86 -11.84 2.49
CA THR A 389 8.69 -12.48 1.43
C THR A 389 8.10 -12.40 0.05
N CYS A 390 8.97 -12.54 -0.92
CA CYS A 390 8.58 -12.49 -2.33
C CYS A 390 9.44 -13.43 -3.19
N MET A 391 8.78 -14.35 -3.86
CA MET A 391 9.39 -15.32 -4.74
C MET A 391 9.08 -14.90 -6.17
N ILE A 392 10.12 -14.74 -6.99
CA ILE A 392 9.92 -14.40 -8.42
C ILE A 392 10.40 -15.54 -9.31
N ALA A 393 9.47 -16.36 -9.79
CA ALA A 393 9.79 -17.52 -10.67
C ALA A 393 10.13 -17.11 -12.12
N MET A 394 11.34 -17.44 -12.55
CA MET A 394 11.80 -17.04 -13.89
C MET A 394 11.54 -18.17 -14.89
N ILE A 395 11.02 -17.78 -16.06
CA ILE A 395 10.61 -18.73 -17.09
C ILE A 395 11.37 -18.53 -18.38
N SER A 396 11.95 -19.60 -18.91
CA SER A 396 12.50 -19.58 -20.27
C SER A 396 11.43 -20.06 -21.26
N PRO A 397 11.08 -19.18 -22.21
CA PRO A 397 9.89 -19.37 -23.03
C PRO A 397 10.01 -20.40 -24.12
N GLY A 398 11.25 -20.74 -24.49
CA GLY A 398 11.52 -21.76 -25.54
C GLY A 398 10.78 -23.08 -25.35
N ILE A 399 10.48 -23.72 -26.47
CA ILE A 399 9.88 -25.08 -26.52
C ILE A 399 10.80 -26.10 -25.85
N SER A 400 12.10 -25.93 -26.05
CA SER A 400 13.09 -26.87 -25.57
C SER A 400 13.20 -26.85 -24.10
N SER A 401 12.79 -25.74 -23.50
CA SER A 401 12.80 -25.53 -22.04
C SER A 401 11.51 -25.96 -21.31
N CYS A 402 10.51 -26.40 -22.03
CA CYS A 402 9.18 -26.59 -21.48
C CYS A 402 9.12 -27.48 -20.26
N GLU A 403 9.95 -28.51 -20.24
CA GLU A 403 9.89 -29.49 -19.16
C GLU A 403 10.41 -28.85 -17.87
N TYR A 404 11.39 -27.97 -18.05
CA TYR A 404 12.05 -27.19 -17.00
C TYR A 404 11.18 -26.10 -16.52
N THR A 405 10.53 -25.45 -17.48
CA THR A 405 9.51 -24.40 -17.22
C THR A 405 8.37 -24.96 -16.33
N LEU A 406 7.91 -26.17 -16.66
CA LEU A 406 6.77 -26.79 -15.95
C LEU A 406 7.14 -27.18 -14.53
N ASN A 407 8.38 -27.53 -14.37
CA ASN A 407 8.99 -27.82 -13.09
C ASN A 407 9.07 -26.57 -12.22
N THR A 408 9.66 -25.51 -12.79
CA THR A 408 9.74 -24.18 -12.13
C THR A 408 8.36 -23.78 -11.61
N LEU A 409 7.37 -23.82 -12.50
CA LEU A 409 5.97 -23.48 -12.15
C LEU A 409 5.33 -24.32 -11.02
N ARG A 410 5.70 -25.60 -10.90
CA ARG A 410 5.17 -26.42 -9.80
C ARG A 410 5.75 -26.10 -8.45
N TYR A 411 7.02 -25.74 -8.41
CA TYR A 411 7.66 -25.30 -7.17
C TYR A 411 6.97 -24.05 -6.72
N ALA A 412 6.83 -23.10 -7.64
CA ALA A 412 6.12 -21.84 -7.46
C ALA A 412 4.67 -22.05 -7.00
N ASP A 413 3.95 -22.97 -7.67
CA ASP A 413 2.59 -23.33 -7.26
C ASP A 413 2.60 -23.83 -5.81
N ARG A 414 3.56 -24.67 -5.50
CA ARG A 414 3.63 -25.30 -4.20
C ARG A 414 4.01 -24.32 -3.08
N VAL A 415 4.56 -23.16 -3.43
CA VAL A 415 4.94 -22.08 -2.47
C VAL A 415 3.74 -21.23 -2.16
N LYS A 416 3.03 -20.82 -3.21
CA LYS A 416 1.75 -20.11 -3.07
C LYS A 416 0.75 -20.97 -2.26
N GLU A 417 0.76 -22.30 -2.47
CA GLU A 417 -0.14 -23.30 -1.82
C GLU A 417 -0.55 -22.96 -0.39
N LEU A 418 0.43 -22.59 0.44
CA LEU A 418 0.12 -22.06 1.79
C LEU A 418 0.23 -20.52 1.82
N SER A 419 -0.96 -19.91 1.67
CA SER A 419 -1.28 -18.50 1.96
C SER A 419 -2.75 -18.22 1.63
N PRO B 58 5.39 31.94 -21.18
CA PRO B 58 4.26 32.16 -22.10
C PRO B 58 2.92 31.96 -21.36
N ASN B 59 2.29 30.77 -21.51
CA ASN B 59 1.02 30.38 -20.85
C ASN B 59 1.16 29.27 -19.80
N TRP B 60 2.33 29.17 -19.19
CA TRP B 60 2.68 28.05 -18.30
C TRP B 60 1.72 27.73 -17.15
N GLU B 61 1.01 28.73 -16.63
CA GLU B 61 0.05 28.48 -15.54
C GLU B 61 -1.10 27.59 -15.99
N PHE B 62 -1.61 27.93 -17.16
CA PHE B 62 -2.61 27.09 -17.83
C PHE B 62 -2.05 25.70 -18.14
N ALA B 63 -0.81 25.66 -18.61
CA ALA B 63 -0.10 24.41 -18.91
C ALA B 63 -0.01 23.52 -17.70
N ARG B 64 0.35 24.14 -16.58
CA ARG B 64 0.52 23.42 -15.34
C ARG B 64 -0.80 22.88 -14.86
N MET B 65 -1.83 23.73 -14.91
CA MET B 65 -3.21 23.33 -14.51
C MET B 65 -3.74 22.17 -15.33
N ILE B 66 -3.42 22.21 -16.62
CA ILE B 66 -3.78 21.17 -17.58
C ILE B 66 -3.03 19.89 -17.25
N LYS B 67 -1.70 19.98 -17.12
CA LYS B 67 -0.87 18.83 -16.70
C LYS B 67 -1.42 18.18 -15.42
N GLU B 68 -1.58 19.00 -14.38
CA GLU B 68 -2.18 18.53 -13.12
C GLU B 68 -3.54 17.80 -13.34
N PHE B 69 -4.38 18.36 -14.21
CA PHE B 69 -5.68 17.77 -14.51
C PHE B 69 -5.46 16.39 -15.07
N ARG B 70 -4.63 16.33 -16.10
CA ARG B 70 -4.32 15.09 -16.82
C ARG B 70 -3.75 13.95 -15.94
N VAL B 71 -2.79 14.31 -15.11
CA VAL B 71 -2.15 13.42 -14.17
C VAL B 71 -3.19 12.82 -13.24
N THR B 72 -4.03 13.68 -12.65
CA THR B 72 -5.14 13.23 -11.79
C THR B 72 -6.14 12.32 -12.50
N MET B 73 -6.33 12.62 -13.77
CA MET B 73 -7.30 11.96 -14.61
C MET B 73 -6.86 10.57 -15.02
N GLU B 74 -5.59 10.29 -15.05
CA GLU B 74 -5.20 8.98 -15.46
C GLU B 74 -4.94 7.98 -14.40
N CYS B 75 -4.69 8.41 -13.18
CA CYS B 75 -4.16 7.44 -12.22
C CYS B 75 -4.95 6.13 -11.89
N SER B 76 -4.12 5.20 -11.39
CA SER B 76 -4.51 3.97 -10.75
C SER B 76 -4.98 4.27 -9.32
N PRO B 77 -5.79 3.36 -8.73
CA PRO B 77 -5.95 3.42 -7.25
C PRO B 77 -4.61 3.30 -6.44
N LEU B 78 -3.58 2.80 -7.13
CA LEU B 78 -2.19 2.69 -6.60
C LEU B 78 -1.42 3.96 -6.21
N THR B 79 -1.94 5.13 -6.53
CA THR B 79 -1.19 6.37 -6.29
C THR B 79 -1.30 6.83 -4.85
N VAL B 80 -2.51 6.82 -4.29
CA VAL B 80 -2.70 7.24 -2.87
C VAL B 80 -2.16 6.16 -1.93
N THR B 81 -2.43 4.89 -2.27
CA THR B 81 -2.03 3.70 -1.47
C THR B 81 -0.61 3.08 -1.77
N ASP B 82 0.35 3.90 -2.25
CA ASP B 82 1.76 3.51 -2.51
C ASP B 82 2.71 4.02 -1.42
N PRO B 83 2.85 3.32 -0.25
CA PRO B 83 3.69 3.92 0.81
C PRO B 83 5.24 3.89 0.58
N ILE B 84 5.60 4.62 -0.46
CA ILE B 84 6.97 4.86 -0.93
C ILE B 84 7.15 6.18 -1.75
N GLU B 85 6.08 6.99 -1.81
CA GLU B 85 6.08 8.25 -2.56
C GLU B 85 5.20 9.24 -1.85
N GLU B 86 4.40 8.81 -0.92
CA GLU B 86 3.73 9.75 -0.03
C GLU B 86 2.61 10.76 -0.24
N HIS B 87 1.41 10.29 -0.56
CA HIS B 87 0.35 11.20 -0.90
C HIS B 87 -0.27 11.76 0.42
N ARG B 88 0.23 12.90 0.91
CA ARG B 88 -0.27 13.51 2.17
C ARG B 88 -1.71 14.00 2.14
N ILE B 89 -2.13 14.56 1.00
CA ILE B 89 -3.49 15.10 0.80
C ILE B 89 -4.22 14.24 -0.21
N CYS B 90 -5.46 13.88 0.12
CA CYS B 90 -6.33 13.07 -0.75
C CYS B 90 -7.69 13.72 -0.81
N VAL B 91 -8.16 13.95 -2.02
CA VAL B 91 -9.43 14.61 -2.27
C VAL B 91 -10.32 13.74 -3.11
N CYS B 92 -11.54 13.57 -2.65
CA CYS B 92 -12.51 12.72 -3.32
C CYS B 92 -13.84 13.39 -3.40
N VAL B 93 -14.67 12.82 -4.26
CA VAL B 93 -15.98 13.31 -4.45
C VAL B 93 -16.93 12.12 -4.45
N ARG B 94 -18.16 12.36 -3.97
CA ARG B 94 -19.15 11.31 -3.90
C ARG B 94 -20.54 11.80 -4.19
N LYS B 95 -21.05 11.30 -5.31
CA LYS B 95 -22.43 11.52 -5.76
C LYS B 95 -23.39 10.58 -5.04
N ARG B 96 -24.35 11.12 -4.30
CA ARG B 96 -25.45 10.31 -3.74
C ARG B 96 -26.56 10.25 -4.78
N PRO B 97 -27.46 9.25 -4.68
CA PRO B 97 -28.56 9.17 -5.65
C PRO B 97 -29.62 10.18 -5.31
N LEU B 98 -30.48 10.50 -6.26
CA LEU B 98 -31.70 11.25 -5.96
C LEU B 98 -32.59 10.41 -5.10
N ASN B 99 -33.19 11.03 -4.09
CA ASN B 99 -34.08 10.31 -3.13
C ASN B 99 -35.55 10.25 -3.65
N LYS B 100 -36.49 9.78 -2.84
CA LYS B 100 -37.92 9.73 -3.22
C LYS B 100 -38.53 11.12 -3.40
N GLN B 101 -38.28 12.00 -2.42
CA GLN B 101 -38.89 13.36 -2.35
C GLN B 101 -38.47 14.22 -3.51
N GLU B 102 -37.23 13.99 -3.93
CA GLU B 102 -36.63 14.70 -5.05
C GLU B 102 -37.26 14.22 -6.35
N LEU B 103 -37.30 12.90 -6.56
CA LEU B 103 -37.98 12.29 -7.73
C LEU B 103 -39.43 12.77 -7.79
N ALA B 104 -40.08 12.69 -6.64
CA ALA B 104 -41.42 13.23 -6.43
C ALA B 104 -41.63 14.63 -7.02
N LYS B 105 -40.64 15.51 -6.90
CA LYS B 105 -40.71 16.87 -7.52
C LYS B 105 -40.17 16.93 -8.95
N LYS B 106 -40.14 15.78 -9.61
CA LYS B 106 -39.62 15.63 -10.98
C LYS B 106 -38.19 16.30 -11.19
N GLU B 107 -37.30 16.11 -10.22
CA GLU B 107 -35.92 16.59 -10.26
C GLU B 107 -35.11 15.75 -11.24
N ILE B 108 -34.21 16.41 -11.95
CA ILE B 108 -33.35 15.82 -12.94
C ILE B 108 -31.98 15.60 -12.35
N ASP B 109 -31.47 14.37 -12.44
CA ASP B 109 -30.07 14.04 -12.06
C ASP B 109 -29.13 14.62 -13.11
N VAL B 110 -28.39 15.65 -12.70
CA VAL B 110 -27.48 16.40 -13.60
C VAL B 110 -25.98 16.07 -13.39
N ILE B 111 -25.69 14.96 -12.72
CA ILE B 111 -24.33 14.53 -12.42
C ILE B 111 -24.05 13.16 -13.01
N SER B 112 -22.91 13.02 -13.66
CA SER B 112 -22.40 11.73 -14.12
C SER B 112 -20.96 11.49 -13.68
N VAL B 113 -20.64 10.22 -13.47
CA VAL B 113 -19.33 9.79 -12.95
C VAL B 113 -18.86 8.71 -13.89
N PRO B 114 -18.37 9.08 -15.07
CA PRO B 114 -18.11 8.13 -16.10
C PRO B 114 -16.86 7.31 -15.90
N SER B 115 -15.95 7.76 -15.05
CA SER B 115 -14.76 6.99 -14.68
C SER B 115 -14.44 7.15 -13.20
N LYS B 116 -13.57 6.30 -12.69
CA LYS B 116 -13.28 6.31 -11.25
C LYS B 116 -12.44 7.51 -10.77
N CYS B 117 -11.77 8.20 -11.69
CA CYS B 117 -11.07 9.47 -11.39
C CYS B 117 -11.80 10.75 -11.97
N LEU B 118 -13.07 10.63 -12.42
CA LEU B 118 -13.76 11.74 -13.18
C LEU B 118 -15.24 12.00 -12.93
N LEU B 119 -15.63 13.28 -12.84
CA LEU B 119 -17.01 13.68 -12.50
C LEU B 119 -17.43 14.74 -13.44
N LEU B 120 -18.70 14.66 -13.87
CA LEU B 120 -19.30 15.52 -14.90
C LEU B 120 -20.57 16.21 -14.39
N VAL B 121 -20.64 17.52 -14.57
CA VAL B 121 -21.83 18.31 -14.26
C VAL B 121 -22.48 18.77 -15.56
N HIS B 122 -23.70 18.30 -15.78
CA HIS B 122 -24.50 18.61 -16.95
C HIS B 122 -25.28 19.84 -16.60
N GLU B 123 -24.58 20.98 -16.61
CA GLU B 123 -25.11 22.28 -16.15
C GLU B 123 -26.16 22.72 -17.14
N PRO B 124 -27.42 22.80 -16.70
CA PRO B 124 -28.45 23.26 -17.61
C PRO B 124 -28.31 24.74 -17.80
N LYS B 125 -28.54 25.19 -19.03
CA LYS B 125 -28.38 26.60 -19.40
C LYS B 125 -29.41 27.03 -20.41
N LEU B 126 -29.70 28.32 -20.42
CA LEU B 126 -30.44 28.94 -21.53
C LEU B 126 -29.49 29.88 -22.28
N LYS B 127 -29.58 29.86 -23.61
CA LYS B 127 -28.96 30.90 -24.42
C LYS B 127 -29.79 32.14 -24.25
N VAL B 128 -29.29 33.26 -24.74
CA VAL B 128 -30.00 34.56 -24.60
C VAL B 128 -31.42 34.54 -25.19
N ASP B 129 -31.57 33.81 -26.28
CA ASP B 129 -32.86 33.59 -26.93
C ASP B 129 -33.74 32.53 -26.34
N LEU B 130 -33.49 32.15 -25.11
CA LEU B 130 -34.20 31.08 -24.38
C LEU B 130 -33.95 29.60 -24.80
N THR B 131 -33.15 29.37 -25.84
CA THR B 131 -32.76 28.02 -26.29
C THR B 131 -32.04 27.22 -25.20
N LYS B 132 -32.51 26.00 -24.95
CA LYS B 132 -31.91 25.17 -23.89
C LYS B 132 -30.62 24.44 -24.33
N TYR B 133 -29.64 24.43 -23.45
CA TYR B 133 -28.48 23.63 -23.67
C TYR B 133 -27.77 23.20 -22.38
N LEU B 134 -26.75 22.38 -22.56
CA LEU B 134 -25.89 21.94 -21.46
C LEU B 134 -24.50 22.52 -21.63
N GLU B 135 -23.92 22.89 -20.51
CA GLU B 135 -22.48 23.14 -20.42
C GLU B 135 -21.96 22.01 -19.60
N ASN B 136 -21.40 21.00 -20.27
CA ASN B 136 -20.99 19.76 -19.59
C ASN B 136 -19.58 19.96 -19.07
N GLN B 137 -19.46 20.04 -17.74
CA GLN B 137 -18.22 20.43 -17.07
C GLN B 137 -17.61 19.26 -16.36
N ALA B 138 -16.30 19.12 -16.53
CA ALA B 138 -15.55 17.97 -16.07
C ALA B 138 -14.64 18.33 -14.93
N PHE B 139 -14.70 17.55 -13.86
CA PHE B 139 -13.78 17.65 -12.73
C PHE B 139 -13.17 16.28 -12.44
N CYS B 140 -11.88 16.26 -12.11
CA CYS B 140 -11.18 15.00 -11.83
C CYS B 140 -10.67 15.02 -10.40
N PHE B 141 -10.79 13.89 -9.71
CA PHE B 141 -10.28 13.74 -8.34
C PHE B 141 -9.47 12.47 -8.17
N ASP B 142 -8.87 12.33 -6.99
CA ASP B 142 -8.12 11.13 -6.66
C ASP B 142 -9.06 9.94 -6.80
N PHE B 143 -10.21 10.01 -6.14
CA PHE B 143 -11.34 9.06 -6.37
C PHE B 143 -12.70 9.73 -6.51
N ALA B 144 -13.57 9.11 -7.31
CA ALA B 144 -14.90 9.64 -7.61
C ALA B 144 -15.93 8.51 -7.54
N PHE B 145 -16.88 8.66 -6.63
CA PHE B 145 -17.83 7.59 -6.36
C PHE B 145 -19.20 7.98 -6.87
N ASP B 146 -19.88 7.06 -7.54
CA ASP B 146 -21.19 7.38 -8.13
C ASP B 146 -22.31 6.95 -7.20
N GLU B 147 -23.55 7.06 -7.69
CA GLU B 147 -24.77 6.82 -6.89
C GLU B 147 -24.95 5.39 -6.36
N THR B 148 -24.12 4.46 -6.80
CA THR B 148 -24.15 3.07 -6.32
C THR B 148 -23.04 2.67 -5.34
N ALA B 149 -22.03 3.49 -5.16
CA ALA B 149 -20.90 3.15 -4.31
C ALA B 149 -21.33 3.13 -2.87
N SER B 150 -21.03 2.05 -2.16
CA SER B 150 -21.46 1.92 -0.76
C SER B 150 -20.50 2.66 0.16
N ASN B 151 -20.90 2.81 1.40
CA ASN B 151 -20.01 3.37 2.42
C ASN B 151 -18.70 2.59 2.53
N GLU B 152 -18.76 1.25 2.51
CA GLU B 152 -17.56 0.38 2.64
C GLU B 152 -16.60 0.61 1.47
N VAL B 153 -17.18 0.81 0.30
CA VAL B 153 -16.37 1.14 -0.90
C VAL B 153 -15.68 2.49 -0.75
N VAL B 154 -16.48 3.49 -0.36
CA VAL B 154 -15.97 4.85 -0.14
C VAL B 154 -14.91 4.85 0.94
N TYR B 155 -15.22 4.20 2.04
CA TYR B 155 -14.25 3.97 3.10
C TYR B 155 -12.91 3.38 2.58
N ARG B 156 -13.01 2.35 1.73
CA ARG B 156 -11.82 1.61 1.25
C ARG B 156 -10.69 2.50 0.69
N PHE B 157 -11.07 3.66 0.14
CA PHE B 157 -10.14 4.55 -0.61
C PHE B 157 -9.91 5.95 -0.06
N THR B 158 -10.67 6.27 0.96
CA THR B 158 -10.61 7.56 1.60
C THR B 158 -9.87 7.43 2.93
N ALA B 159 -10.53 6.80 3.89
CA ALA B 159 -10.08 6.79 5.28
C ALA B 159 -9.20 5.59 5.59
N ARG B 160 -9.57 4.43 5.06
CA ARG B 160 -8.87 3.18 5.41
C ARG B 160 -7.36 3.30 5.29
N PRO B 161 -6.86 3.78 4.13
CA PRO B 161 -5.41 4.01 3.97
C PRO B 161 -4.72 4.77 5.10
N LEU B 162 -5.41 5.78 5.62
CA LEU B 162 -4.94 6.57 6.78
C LEU B 162 -4.88 5.87 8.14
N VAL B 163 -5.59 4.75 8.30
CA VAL B 163 -5.56 4.02 9.56
C VAL B 163 -4.13 3.61 9.84
N GLN B 164 -3.50 2.88 8.94
CA GLN B 164 -2.07 2.53 9.12
C GLN B 164 -1.18 3.69 9.58
N THR B 165 -1.47 4.90 9.14
CA THR B 165 -0.67 6.09 9.51
C THR B 165 -0.57 6.29 11.01
N ILE B 166 -1.66 6.04 11.72
CA ILE B 166 -1.66 6.19 13.20
C ILE B 166 -0.79 5.14 13.92
N PHE B 167 -0.91 3.88 13.52
CA PHE B 167 -0.04 2.80 13.98
C PHE B 167 1.44 2.96 13.65
N GLU B 168 1.73 3.84 12.71
CA GLU B 168 3.10 4.28 12.38
C GLU B 168 3.52 5.53 13.14
N GLY B 169 2.82 5.85 14.21
CA GLY B 169 3.12 7.08 14.98
C GLY B 169 2.82 8.39 14.26
N GLY B 170 1.75 8.34 13.47
CA GLY B 170 1.34 9.46 12.65
C GLY B 170 -0.02 9.99 12.96
N LYS B 171 -0.28 11.19 12.49
CA LYS B 171 -1.55 11.86 12.63
C LYS B 171 -2.30 11.87 11.32
N ALA B 172 -3.61 11.87 11.43
CA ALA B 172 -4.52 11.77 10.30
C ALA B 172 -5.80 12.51 10.57
N THR B 173 -6.39 13.00 9.47
CA THR B 173 -7.67 13.66 9.47
C THR B 173 -8.46 13.19 8.26
N CYS B 174 -9.75 13.02 8.39
CA CYS B 174 -10.62 12.78 7.25
C CYS B 174 -11.93 13.56 7.35
N PHE B 175 -12.13 14.50 6.44
CA PHE B 175 -13.28 15.42 6.41
C PHE B 175 -14.34 15.03 5.37
N ALA B 176 -15.60 15.16 5.77
CA ALA B 176 -16.73 15.15 4.85
C ALA B 176 -17.16 16.57 4.69
N TYR B 177 -17.08 17.02 3.45
CA TYR B 177 -17.37 18.39 3.07
C TYR B 177 -18.53 18.42 2.14
N GLY B 178 -19.31 19.47 2.21
CA GLY B 178 -20.36 19.68 1.21
C GLY B 178 -21.64 20.31 1.71
N GLN B 179 -22.48 20.62 0.74
CA GLN B 179 -23.84 21.15 0.95
C GLN B 179 -24.63 20.29 1.87
N THR B 180 -25.65 20.90 2.47
CA THR B 180 -26.53 20.21 3.40
C THR B 180 -27.38 19.21 2.63
N GLY B 181 -27.69 18.10 3.30
CA GLY B 181 -28.44 16.98 2.72
C GLY B 181 -27.75 16.24 1.60
N SER B 182 -26.44 16.38 1.50
CA SER B 182 -25.67 15.70 0.48
C SER B 182 -25.09 14.34 0.89
N GLY B 183 -25.05 14.08 2.20
CA GLY B 183 -24.61 12.79 2.77
C GLY B 183 -23.32 12.77 3.58
N LYS B 184 -22.97 13.86 4.22
CA LYS B 184 -21.77 13.93 5.04
C LYS B 184 -21.88 12.95 6.21
N THR B 185 -22.98 13.06 6.91
CA THR B 185 -23.23 12.21 8.06
C THR B 185 -23.55 10.81 7.62
N HIS B 186 -24.41 10.64 6.63
CA HIS B 186 -24.64 9.29 6.11
C HIS B 186 -23.31 8.53 5.89
N THR B 187 -22.34 9.21 5.28
CA THR B 187 -21.02 8.65 5.04
C THR B 187 -20.27 8.45 6.36
N MET B 188 -20.14 9.49 7.15
CA MET B 188 -19.32 9.47 8.38
C MET B 188 -19.92 8.75 9.60
N GLY B 189 -21.14 9.15 9.93
CA GLY B 189 -21.92 8.61 11.06
C GLY B 189 -22.38 7.22 10.73
N GLY B 190 -23.27 7.13 9.74
CA GLY B 190 -23.86 5.88 9.28
C GLY B 190 -25.32 6.10 8.96
N ASP B 191 -25.97 5.11 8.34
CA ASP B 191 -27.31 5.27 7.73
C ASP B 191 -28.16 6.26 8.54
N LEU B 192 -28.51 7.37 7.88
CA LEU B 192 -29.23 8.50 8.48
C LEU B 192 -30.33 8.95 7.50
N GLN B 197 -28.31 7.16 11.75
CA GLN B 197 -28.51 6.41 13.01
C GLN B 197 -27.87 5.02 13.16
N ASN B 198 -27.65 4.36 12.04
CA ASN B 198 -27.07 3.05 11.97
C ASN B 198 -25.57 3.27 12.15
N ALA B 199 -25.10 3.60 13.35
CA ALA B 199 -23.67 3.94 13.56
C ALA B 199 -22.64 3.02 12.87
N SER B 200 -22.98 1.72 12.77
CA SER B 200 -22.05 0.69 12.20
C SER B 200 -21.77 0.78 10.68
N LYS B 201 -22.69 1.38 9.92
CA LYS B 201 -22.49 1.57 8.45
C LYS B 201 -21.56 2.73 8.12
N GLY B 202 -21.19 3.52 9.12
CA GLY B 202 -20.38 4.73 8.89
C GLY B 202 -18.90 4.51 8.89
N ILE B 203 -18.18 5.43 8.26
CA ILE B 203 -16.72 5.52 8.33
C ILE B 203 -16.17 5.54 9.76
N TYR B 204 -16.81 6.29 10.67
CA TYR B 204 -16.33 6.37 12.08
C TYR B 204 -16.15 4.95 12.64
N ALA B 205 -17.23 4.15 12.52
CA ALA B 205 -17.28 2.74 12.94
C ALA B 205 -16.30 1.85 12.20
N MET B 206 -16.29 2.00 10.88
CA MET B 206 -15.43 1.23 9.96
C MET B 206 -13.95 1.45 10.20
N ALA B 207 -13.58 2.70 10.43
CA ALA B 207 -12.18 3.04 10.75
C ALA B 207 -11.77 2.31 12.02
N SER B 208 -12.71 2.30 12.97
CA SER B 208 -12.52 1.74 14.29
C SER B 208 -12.36 0.24 14.20
N ARG B 209 -13.33 -0.44 13.59
CA ARG B 209 -13.19 -1.87 13.19
C ARG B 209 -11.76 -2.21 12.83
N ASP B 210 -11.20 -1.45 11.89
CA ASP B 210 -9.84 -1.69 11.35
C ASP B 210 -8.73 -1.24 12.31
N VAL B 211 -8.99 -0.25 13.14
CA VAL B 211 -8.03 0.07 14.23
C VAL B 211 -7.77 -1.16 15.13
N PHE B 212 -8.83 -1.88 15.48
CA PHE B 212 -8.70 -3.07 16.34
C PHE B 212 -8.04 -4.24 15.63
N LEU B 213 -8.51 -4.55 14.42
CA LEU B 213 -7.84 -5.52 13.54
C LEU B 213 -6.35 -5.26 13.40
N LEU B 214 -5.93 -4.01 13.40
CA LEU B 214 -4.51 -3.71 13.26
C LEU B 214 -3.63 -3.88 14.47
N LYS B 215 -4.18 -3.75 15.68
CA LYS B 215 -3.34 -3.85 16.88
C LYS B 215 -3.03 -5.30 17.26
N ASN B 216 -4.00 -6.17 16.98
CA ASN B 216 -3.86 -7.64 17.13
C ASN B 216 -2.97 -8.33 16.11
N GLN B 217 -2.58 -7.62 15.06
CA GLN B 217 -1.54 -8.11 14.16
C GLN B 217 -0.15 -8.10 14.85
N PRO B 218 0.68 -9.13 14.55
CA PRO B 218 2.09 -9.18 14.99
C PRO B 218 3.03 -8.01 14.68
N ARG B 219 2.90 -7.43 13.50
CA ARG B 219 3.35 -6.07 13.14
C ARG B 219 3.30 -4.99 14.24
N TYR B 220 2.18 -4.96 14.99
CA TYR B 220 1.86 -3.87 15.93
C TYR B 220 1.45 -4.30 17.34
N ARG B 221 1.94 -5.47 17.78
CA ARG B 221 1.68 -5.97 19.17
C ARG B 221 2.64 -5.43 20.27
N ASN B 222 3.89 -5.24 19.91
CA ASN B 222 4.92 -4.73 20.86
C ASN B 222 4.77 -3.31 21.35
N LEU B 223 3.82 -2.61 20.78
CA LEU B 223 3.57 -1.23 21.18
C LEU B 223 2.80 -1.11 22.53
N ASN B 224 2.04 -2.17 22.86
CA ASN B 224 1.06 -2.21 23.97
C ASN B 224 0.12 -1.04 23.99
N LEU B 225 -0.80 -1.06 23.05
CA LEU B 225 -1.62 0.09 22.74
C LEU B 225 -2.98 -0.01 23.40
N GLU B 226 -3.34 1.07 24.09
CA GLU B 226 -4.69 1.27 24.61
C GLU B 226 -5.36 2.23 23.60
N VAL B 227 -6.61 1.91 23.26
CA VAL B 227 -7.38 2.66 22.27
C VAL B 227 -8.38 3.56 22.99
N TYR B 228 -8.15 4.87 22.93
CA TYR B 228 -9.10 5.88 23.44
C TYR B 228 -9.85 6.56 22.30
N VAL B 229 -10.94 7.22 22.67
CA VAL B 229 -11.94 7.75 21.75
C VAL B 229 -12.59 9.04 22.32
N THR B 230 -12.61 10.10 21.53
CA THR B 230 -13.40 11.32 21.87
C THR B 230 -14.47 11.58 20.81
N PHE B 231 -15.37 12.51 21.13
CA PHE B 231 -16.45 12.92 20.21
C PHE B 231 -17.01 14.25 20.70
N PHE B 232 -16.97 15.24 19.83
CA PHE B 232 -17.47 16.56 20.19
C PHE B 232 -18.00 17.31 19.00
N GLU B 233 -18.84 18.28 19.32
CA GLU B 233 -19.49 19.15 18.36
C GLU B 233 -18.90 20.55 18.50
N ILE B 234 -18.63 21.20 17.38
CA ILE B 234 -18.24 22.62 17.37
C ILE B 234 -19.40 23.37 16.74
N TYR B 235 -20.01 24.24 17.55
CA TYR B 235 -21.19 25.09 17.23
C TYR B 235 -20.86 26.52 17.63
N ASN B 236 -20.80 27.40 16.65
CA ASN B 236 -20.58 28.84 16.86
C ASN B 236 -19.43 29.13 17.84
N GLY B 237 -18.20 28.80 17.43
CA GLY B 237 -16.99 29.08 18.23
C GLY B 237 -16.84 28.39 19.58
N LYS B 238 -17.81 27.57 19.95
CA LYS B 238 -17.90 26.90 21.26
C LYS B 238 -17.92 25.38 21.07
N VAL B 239 -17.06 24.68 21.78
CA VAL B 239 -16.97 23.20 21.74
C VAL B 239 -17.95 22.58 22.76
N PHE B 240 -18.49 21.41 22.45
CA PHE B 240 -19.47 20.71 23.31
C PHE B 240 -19.17 19.21 23.27
N ASP B 241 -18.87 18.63 24.42
CA ASP B 241 -18.50 17.20 24.52
C ASP B 241 -19.75 16.35 24.34
N LEU B 242 -19.79 15.50 23.32
CA LEU B 242 -20.97 14.66 22.99
C LEU B 242 -21.02 13.35 23.80
N LEU B 243 -19.88 13.00 24.38
CA LEU B 243 -19.78 11.86 25.28
C LEU B 243 -20.17 12.24 26.71
N ASN B 244 -20.27 13.54 26.97
CA ASN B 244 -20.47 14.09 28.32
C ASN B 244 -21.71 15.03 28.35
N LYS B 245 -22.75 14.65 27.64
CA LYS B 245 -24.00 15.42 27.51
C LYS B 245 -23.91 16.88 27.09
N LYS B 246 -23.50 17.16 25.86
CA LYS B 246 -23.16 18.54 25.40
C LYS B 246 -22.50 19.53 26.37
N ALA B 247 -21.56 19.05 27.16
CA ALA B 247 -20.90 19.88 28.14
C ALA B 247 -19.98 20.93 27.51
N LYS B 248 -20.32 22.23 27.62
CA LYS B 248 -19.44 23.29 27.07
C LYS B 248 -18.02 23.26 27.66
N LEU B 249 -17.03 23.15 26.78
CA LEU B 249 -15.63 23.12 27.15
C LEU B 249 -14.95 24.42 26.77
N ARG B 250 -13.93 24.82 27.55
CA ARG B 250 -13.11 25.99 27.25
C ARG B 250 -11.87 25.53 26.50
N VAL B 251 -11.52 26.21 25.40
CA VAL B 251 -10.33 25.89 24.58
C VAL B 251 -9.26 26.94 24.82
N LEU B 252 -8.11 26.49 25.29
CA LEU B 252 -7.02 27.38 25.69
C LEU B 252 -5.71 26.97 25.01
N GLU B 253 -5.03 27.98 24.48
CA GLU B 253 -3.71 27.84 23.85
C GLU B 253 -2.69 28.49 24.80
N ASP B 254 -1.56 27.83 25.00
CA ASP B 254 -0.45 28.44 25.77
C ASP B 254 0.37 29.37 24.84
N SER B 255 1.57 29.75 25.26
CA SER B 255 2.51 30.52 24.42
C SER B 255 3.31 29.69 23.38
N ARG B 256 3.32 28.36 23.52
CA ARG B 256 3.90 27.39 22.55
C ARG B 256 2.96 26.92 21.41
N GLN B 257 1.87 27.66 21.17
CA GLN B 257 0.81 27.30 20.17
C GLN B 257 0.05 25.98 20.42
N GLN B 258 0.36 25.31 21.53
CA GLN B 258 -0.27 24.04 21.89
C GLN B 258 -1.72 24.34 22.19
N VAL B 259 -2.64 23.56 21.64
CA VAL B 259 -4.05 23.70 22.00
C VAL B 259 -4.41 22.52 22.88
N GLN B 260 -5.29 22.78 23.83
CA GLN B 260 -5.93 21.73 24.64
C GLN B 260 -7.41 22.11 24.80
N VAL B 261 -8.27 21.12 24.68
CA VAL B 261 -9.71 21.32 24.84
C VAL B 261 -10.00 20.89 26.25
N VAL B 262 -10.02 21.88 27.12
CA VAL B 262 -10.05 21.67 28.56
C VAL B 262 -11.36 20.94 28.95
N GLY B 263 -11.20 19.71 29.46
CA GLY B 263 -12.31 18.90 29.97
C GLY B 263 -12.90 17.90 29.01
N LEU B 264 -12.21 17.71 27.89
CA LEU B 264 -12.67 16.82 26.85
C LEU B 264 -12.43 15.38 27.27
N GLN B 265 -13.52 14.63 27.39
CA GLN B 265 -13.48 13.24 27.87
C GLN B 265 -13.01 12.23 26.83
N GLU B 266 -11.88 11.58 27.14
CA GLU B 266 -11.41 10.39 26.41
C GLU B 266 -11.85 9.11 27.09
N TYR B 267 -12.80 8.40 26.51
CA TYR B 267 -13.13 7.08 27.00
C TYR B 267 -12.41 5.94 26.30
N LEU B 268 -11.67 5.18 27.08
CA LEU B 268 -11.05 3.94 26.63
C LEU B 268 -12.07 3.02 26.00
N VAL B 269 -11.63 2.29 24.98
CA VAL B 269 -12.41 1.23 24.29
C VAL B 269 -11.54 -0.01 23.99
N THR B 270 -12.20 -1.13 23.79
CA THR B 270 -11.49 -2.42 23.65
C THR B 270 -11.84 -3.16 22.37
N CYS B 271 -12.81 -2.65 21.65
CA CYS B 271 -13.60 -3.53 20.84
C CYS B 271 -14.45 -2.64 19.94
N ALA B 272 -14.65 -3.03 18.68
CA ALA B 272 -15.43 -2.19 17.73
C ALA B 272 -16.83 -1.86 18.22
N ASP B 273 -17.48 -2.86 18.81
CA ASP B 273 -18.82 -2.68 19.33
C ASP B 273 -18.90 -1.62 20.43
N ASP B 274 -17.86 -1.56 21.27
CA ASP B 274 -17.76 -0.49 22.30
C ASP B 274 -17.94 0.85 21.61
N VAL B 275 -17.16 1.04 20.55
CA VAL B 275 -17.07 2.31 19.78
C VAL B 275 -18.40 2.63 19.09
N ILE B 276 -19.00 1.64 18.45
CA ILE B 276 -20.36 1.78 17.87
C ILE B 276 -21.39 2.23 18.92
N LYS B 277 -21.29 1.70 20.14
CA LYS B 277 -22.16 2.14 21.26
C LYS B 277 -21.92 3.62 21.62
N MET B 278 -20.65 3.99 21.76
CA MET B 278 -20.24 5.36 22.07
C MET B 278 -20.70 6.39 21.03
N ILE B 279 -20.51 6.01 19.77
CA ILE B 279 -20.92 6.80 18.58
C ILE B 279 -22.43 7.02 18.54
N ASN B 280 -23.19 5.99 18.93
CA ASN B 280 -24.67 6.07 18.98
C ASN B 280 -25.19 7.00 20.07
N MET B 281 -24.48 7.03 21.19
CA MET B 281 -24.85 7.96 22.24
C MET B 281 -24.60 9.41 21.81
N GLY B 282 -23.42 9.68 21.30
CA GLY B 282 -23.06 11.03 20.83
C GLY B 282 -24.07 11.62 19.87
N SER B 283 -24.48 10.80 18.91
CA SER B 283 -25.51 11.15 17.92
C SER B 283 -26.89 11.43 18.56
N ALA B 284 -27.26 10.61 19.54
CA ALA B 284 -28.48 10.83 20.35
C ALA B 284 -28.37 12.13 21.17
N CYS B 285 -27.26 12.24 21.90
CA CYS B 285 -26.93 13.44 22.69
C CYS B 285 -26.92 14.70 21.83
N ARG B 286 -26.51 14.54 20.57
CA ARG B 286 -26.64 15.61 19.57
C ARG B 286 -28.13 15.68 19.20
N THR B 287 -28.91 16.35 20.04
CA THR B 287 -30.40 16.36 19.97
C THR B 287 -30.94 16.62 21.37
N SER B 297 -30.06 20.63 12.03
CA SER B 297 -29.20 19.46 11.73
C SER B 297 -27.70 19.82 11.46
N SER B 298 -27.52 20.54 10.33
CA SER B 298 -26.31 21.36 9.92
C SER B 298 -26.15 22.63 10.80
N ARG B 299 -25.16 23.43 10.41
CA ARG B 299 -24.68 24.55 11.26
C ARG B 299 -23.62 24.21 12.35
N SER B 300 -23.26 22.93 12.45
CA SER B 300 -22.22 22.50 13.38
C SER B 300 -21.34 21.36 12.89
N HIS B 301 -20.10 21.38 13.38
CA HIS B 301 -19.09 20.40 13.03
C HIS B 301 -19.02 19.28 14.04
N ALA B 302 -19.09 18.02 13.62
CA ALA B 302 -18.77 16.90 14.50
C ALA B 302 -17.39 16.43 14.22
N CYS B 303 -16.58 16.35 15.25
CA CYS B 303 -15.29 15.72 15.16
C CYS B 303 -15.32 14.53 16.08
N PHE B 304 -14.99 13.36 15.53
CA PHE B 304 -14.85 12.10 16.28
C PHE B 304 -13.42 11.62 16.23
N GLN B 305 -12.74 11.53 17.37
CA GLN B 305 -11.31 11.19 17.38
C GLN B 305 -11.02 9.77 17.91
N ILE B 306 -9.94 9.21 17.41
CA ILE B 306 -9.45 7.88 17.77
C ILE B 306 -7.98 8.08 18.10
N LEU B 307 -7.64 7.80 19.36
CA LEU B 307 -6.27 7.99 19.87
C LEU B 307 -5.70 6.65 20.26
N LEU B 308 -4.45 6.45 19.88
CA LEU B 308 -3.69 5.27 20.29
C LEU B 308 -2.70 5.77 21.31
N ARG B 309 -2.85 5.27 22.54
CA ARG B 309 -1.91 5.57 23.61
C ARG B 309 -1.12 4.33 24.07
N THR B 310 0.12 4.60 24.49
CA THR B 310 1.02 3.56 25.02
C THR B 310 1.21 3.74 26.55
N LYS B 311 1.90 4.79 26.96
CA LYS B 311 2.22 5.06 28.39
C LYS B 311 1.37 6.22 28.90
N GLY B 312 0.10 6.23 28.49
CA GLY B 312 -0.71 7.47 28.53
C GLY B 312 -0.14 8.54 27.60
N ARG B 313 0.70 8.05 26.68
CA ARG B 313 1.46 8.82 25.74
C ARG B 313 0.77 8.59 24.45
N LEU B 314 0.59 9.67 23.70
CA LEU B 314 -0.13 9.63 22.46
C LEU B 314 0.79 9.19 21.34
N HIS B 315 0.47 8.04 20.80
CA HIS B 315 1.25 7.43 19.71
C HIS B 315 0.81 7.97 18.34
N GLY B 316 -0.47 7.75 18.04
CA GLY B 316 -1.13 8.23 16.84
C GLY B 316 -2.57 8.67 17.07
N LYS B 317 -3.05 9.58 16.21
CA LYS B 317 -4.37 10.21 16.33
C LYS B 317 -5.08 10.32 14.97
N PHE B 318 -6.29 9.78 14.88
CA PHE B 318 -7.14 9.90 13.66
C PHE B 318 -8.42 10.64 13.97
N SER B 319 -8.49 11.89 13.51
CA SER B 319 -9.62 12.80 13.77
C SER B 319 -10.54 12.72 12.58
N LEU B 320 -11.77 12.26 12.78
CA LEU B 320 -12.78 12.15 11.71
C LEU B 320 -13.90 13.19 11.78
N VAL B 321 -13.90 14.15 10.86
CA VAL B 321 -14.80 15.30 10.92
C VAL B 321 -16.00 15.26 9.94
N ASP B 322 -17.19 15.65 10.41
CA ASP B 322 -18.42 15.71 9.61
C ASP B 322 -18.77 17.18 9.61
N LEU B 323 -18.23 17.90 8.65
CA LEU B 323 -18.39 19.37 8.59
C LEU B 323 -19.85 19.87 8.53
N ALA B 324 -19.99 21.19 8.53
CA ALA B 324 -21.28 21.83 8.44
C ALA B 324 -21.56 22.15 7.00
N GLY B 325 -22.83 22.46 6.76
CA GLY B 325 -23.31 22.91 5.46
C GLY B 325 -22.47 24.06 4.87
N ASN B 326 -21.97 23.88 3.64
CA ASN B 326 -21.07 24.85 2.99
C ASN B 326 -21.80 25.95 2.21
N GLU B 327 -23.06 26.21 2.53
CA GLU B 327 -23.90 27.18 1.81
C GLU B 327 -24.34 28.34 2.73
N ARG B 328 -24.40 29.55 2.19
CA ARG B 328 -24.87 30.77 2.91
C ARG B 328 -24.69 31.99 2.02
N ARG B 340 -29.33 34.88 12.67
CA ARG B 340 -28.43 33.82 12.23
C ARG B 340 -27.40 34.26 11.17
N MET B 341 -26.33 34.94 11.59
CA MET B 341 -25.10 34.99 10.74
C MET B 341 -23.96 34.31 11.53
N GLU B 342 -24.33 33.14 12.08
CA GLU B 342 -23.42 32.02 12.38
C GLU B 342 -22.74 31.57 11.04
N GLY B 343 -23.49 31.61 9.95
CA GLY B 343 -22.94 31.36 8.60
C GLY B 343 -21.63 32.09 8.33
N ALA B 344 -21.45 33.22 8.99
CA ALA B 344 -20.18 33.93 8.98
C ALA B 344 -19.11 33.06 9.57
N GLU B 345 -19.35 32.59 10.80
CA GLU B 345 -18.43 31.67 11.51
C GLU B 345 -18.08 30.41 10.66
N ILE B 346 -19.12 29.73 10.21
CA ILE B 346 -19.00 28.53 9.36
C ILE B 346 -18.10 28.84 8.17
N ASN B 347 -18.40 29.91 7.46
CA ASN B 347 -17.59 30.29 6.30
C ASN B 347 -16.11 30.50 6.68
N LYS B 348 -15.86 31.24 7.74
CA LYS B 348 -14.47 31.45 8.19
C LYS B 348 -13.70 30.17 8.45
N SER B 349 -14.35 29.22 9.08
CA SER B 349 -13.72 27.94 9.44
C SER B 349 -13.39 27.09 8.22
N LEU B 350 -14.33 27.01 7.27
CA LEU B 350 -14.09 26.31 6.00
C LEU B 350 -12.97 26.97 5.18
N LEU B 351 -12.98 28.30 5.11
CA LEU B 351 -11.85 29.04 4.48
C LEU B 351 -10.54 28.74 5.21
N ALA B 352 -10.65 28.63 6.52
CA ALA B 352 -9.49 28.33 7.38
C ALA B 352 -8.97 26.92 7.09
N LEU B 353 -9.89 25.98 7.17
CA LEU B 353 -9.61 24.55 6.92
C LEU B 353 -8.87 24.34 5.60
N LYS B 354 -9.39 24.95 4.54
CA LYS B 354 -8.72 24.99 3.22
C LYS B 354 -7.22 25.38 3.34
N GLU B 355 -6.94 26.45 4.08
CA GLU B 355 -5.54 26.93 4.20
C GLU B 355 -4.68 25.97 5.02
N CYS B 356 -5.20 25.54 6.17
CA CYS B 356 -4.57 24.49 6.99
C CYS B 356 -4.16 23.25 6.20
N ILE B 357 -5.11 22.70 5.45
CA ILE B 357 -4.86 21.52 4.58
C ILE B 357 -3.69 21.79 3.60
N ARG B 358 -3.65 22.98 3.04
CA ARG B 358 -2.61 23.33 2.06
C ARG B 358 -1.31 23.86 2.68
N ALA B 359 -1.33 24.09 3.98
CA ALA B 359 -0.11 24.21 4.78
C ALA B 359 0.52 22.83 5.07
N LEU B 360 -0.35 21.84 5.07
CA LEU B 360 0.06 20.49 5.31
C LEU B 360 1.13 20.24 4.31
N GLY B 361 0.73 20.01 3.07
CA GLY B 361 1.66 19.77 1.98
C GLY B 361 2.33 21.12 1.91
N GLN B 362 3.53 21.20 2.45
CA GLN B 362 4.44 22.31 2.26
C GLN B 362 5.27 22.48 3.51
N PHE B 369 -3.94 31.07 8.16
CA PHE B 369 -4.12 32.36 8.84
C PHE B 369 -5.60 32.78 8.90
N ARG B 370 -5.90 33.72 9.79
CA ARG B 370 -7.28 34.01 10.26
C ARG B 370 -7.98 32.76 10.82
N GLU B 371 -7.46 32.29 11.96
CA GLU B 371 -7.84 31.02 12.61
C GLU B 371 -9.30 30.90 13.09
N SER B 372 -9.80 29.68 13.04
CA SER B 372 -11.14 29.33 13.52
C SER B 372 -11.06 28.25 14.57
N LYS B 373 -12.19 28.00 15.24
CA LYS B 373 -12.25 27.05 16.37
C LYS B 373 -11.93 25.64 15.93
N LEU B 374 -12.47 25.27 14.77
CA LEU B 374 -12.20 23.99 14.15
C LEU B 374 -10.69 23.75 13.90
N THR B 375 -10.05 24.67 13.18
CA THR B 375 -8.65 24.51 12.80
C THR B 375 -7.70 24.66 13.97
N GLN B 376 -8.18 25.37 14.99
CA GLN B 376 -7.51 25.51 16.29
C GLN B 376 -7.43 24.16 16.99
N VAL B 377 -8.59 23.55 17.20
CA VAL B 377 -8.73 22.25 17.86
C VAL B 377 -7.94 21.14 17.13
N LEU B 378 -8.00 21.15 15.81
CA LEU B 378 -7.28 20.16 14.97
C LEU B 378 -5.83 20.58 14.58
N ARG B 379 -5.37 21.74 15.07
CA ARG B 379 -4.07 22.37 14.74
C ARG B 379 -2.92 21.38 14.75
N ASP B 380 -2.88 20.51 15.73
CA ASP B 380 -1.81 19.50 15.83
C ASP B 380 -1.82 18.47 14.66
N SER B 381 -3.02 18.06 14.27
CA SER B 381 -3.21 17.06 13.22
C SER B 381 -2.88 17.55 11.79
N PHE B 382 -2.54 18.84 11.64
CA PHE B 382 -1.98 19.35 10.36
C PHE B 382 -0.49 19.62 10.48
N ILE B 383 -0.14 20.43 11.48
CA ILE B 383 1.26 20.93 11.70
C ILE B 383 2.33 19.82 11.87
N GLY B 384 1.91 18.61 12.27
CA GLY B 384 2.80 17.44 12.32
C GLY B 384 3.61 17.15 11.05
N GLU B 385 4.64 16.31 11.19
CA GLU B 385 5.53 15.90 10.08
C GLU B 385 5.03 14.65 9.34
N ASN B 386 4.94 13.50 10.01
CA ASN B 386 4.07 12.43 9.49
C ASN B 386 2.63 12.77 9.85
N SER B 387 2.01 13.51 8.96
CA SER B 387 0.60 13.84 9.07
C SER B 387 -0.03 13.71 7.68
N ARG B 388 -1.24 13.15 7.64
CA ARG B 388 -1.97 12.90 6.39
C ARG B 388 -3.42 13.33 6.48
N THR B 389 -4.07 13.49 5.32
CA THR B 389 -5.47 13.97 5.28
C THR B 389 -6.27 13.53 4.09
N CYS B 390 -7.59 13.57 4.26
CA CYS B 390 -8.52 13.13 3.22
C CYS B 390 -9.83 13.88 3.27
N MET B 391 -10.14 14.56 2.20
CA MET B 391 -11.34 15.33 2.07
C MET B 391 -12.31 14.60 1.15
N ILE B 392 -13.55 14.42 1.59
CA ILE B 392 -14.55 13.78 0.73
C ILE B 392 -15.67 14.75 0.40
N ALA B 393 -15.65 15.33 -0.79
CA ALA B 393 -16.69 16.30 -1.20
C ALA B 393 -18.02 15.63 -1.59
N MET B 394 -19.08 16.00 -0.90
CA MET B 394 -20.41 15.39 -1.12
C MET B 394 -21.29 16.22 -2.08
N ILE B 395 -21.93 15.48 -3.00
CA ILE B 395 -22.68 16.06 -4.10
C ILE B 395 -24.13 15.63 -4.12
N SER B 396 -25.02 16.62 -4.15
CA SER B 396 -26.44 16.39 -4.43
C SER B 396 -26.72 16.52 -5.96
N PRO B 397 -27.20 15.42 -6.55
CA PRO B 397 -27.23 15.28 -7.99
C PRO B 397 -28.33 16.04 -8.67
N GLY B 398 -29.37 16.43 -7.92
CA GLY B 398 -30.50 17.20 -8.46
C GLY B 398 -30.11 18.45 -9.23
N ILE B 399 -30.96 18.80 -10.19
CA ILE B 399 -30.81 20.01 -10.99
C ILE B 399 -30.91 21.27 -10.13
N SER B 400 -31.80 21.21 -9.14
CA SER B 400 -32.06 22.34 -8.25
C SER B 400 -30.90 22.69 -7.37
N SER B 401 -30.02 21.73 -7.18
CA SER B 401 -28.78 21.87 -6.41
C SER B 401 -27.51 22.27 -7.18
N CYS B 402 -27.61 22.38 -8.51
CA CYS B 402 -26.42 22.52 -9.35
C CYS B 402 -25.46 23.66 -8.97
N GLU B 403 -25.98 24.77 -8.49
CA GLU B 403 -25.15 25.94 -8.18
C GLU B 403 -24.35 25.67 -6.92
N TYR B 404 -24.98 24.96 -6.01
CA TYR B 404 -24.39 24.50 -4.75
C TYR B 404 -23.35 23.43 -5.03
N THR B 405 -23.72 22.48 -5.90
CA THR B 405 -22.82 21.40 -6.34
C THR B 405 -21.54 21.99 -6.96
N LEU B 406 -21.71 23.02 -7.77
CA LEU B 406 -20.57 23.65 -8.49
C LEU B 406 -19.64 24.40 -7.55
N ASN B 407 -20.24 24.94 -6.51
CA ASN B 407 -19.53 25.60 -5.43
C ASN B 407 -18.68 24.58 -4.68
N THR B 408 -19.33 23.51 -4.22
CA THR B 408 -18.66 22.41 -3.51
C THR B 408 -17.43 22.00 -4.30
N LEU B 409 -17.64 21.71 -5.59
CA LEU B 409 -16.56 21.26 -6.47
C LEU B 409 -15.39 22.23 -6.58
N ARG B 410 -15.66 23.53 -6.52
CA ARG B 410 -14.56 24.52 -6.57
C ARG B 410 -13.74 24.57 -5.31
N TYR B 411 -14.39 24.35 -4.16
CA TYR B 411 -13.67 24.29 -2.88
C TYR B 411 -12.73 23.13 -2.93
N ALA B 412 -13.30 21.99 -3.33
CA ALA B 412 -12.58 20.73 -3.53
C ALA B 412 -11.42 20.88 -4.52
N ASP B 413 -11.68 21.52 -5.66
CA ASP B 413 -10.64 21.80 -6.66
C ASP B 413 -9.51 22.56 -6.00
N ARG B 414 -9.85 23.60 -5.26
CA ARG B 414 -8.78 24.43 -4.70
C ARG B 414 -8.06 23.77 -3.50
N VAL B 415 -8.62 22.70 -2.95
CA VAL B 415 -7.97 21.92 -1.87
C VAL B 415 -6.95 21.01 -2.51
N LYS B 416 -7.36 20.26 -3.54
CA LYS B 416 -6.43 19.37 -4.27
C LYS B 416 -5.25 20.18 -4.83
N GLU B 417 -5.53 21.41 -5.28
CA GLU B 417 -4.59 22.26 -6.03
C GLU B 417 -3.18 22.31 -5.51
N LEU B 418 -2.99 22.24 -4.20
CA LEU B 418 -1.65 21.93 -3.69
C LEU B 418 -1.59 20.44 -3.31
N SER B 419 -1.15 19.66 -4.30
CA SER B 419 -0.93 18.21 -4.16
C SER B 419 -0.12 17.69 -5.38
MG MG C . 22.15 -14.98 -14.55
PB ADP D . 20.24 -17.00 -14.73
O1B ADP D . 21.55 -16.70 -14.15
O2B ADP D . 19.09 -16.36 -14.06
O3B ADP D . 20.01 -18.46 -14.97
PA ADP D . 20.75 -14.71 -16.42
O1A ADP D . 19.93 -13.82 -15.54
O2A ADP D . 22.27 -14.64 -16.42
O3A ADP D . 20.34 -16.27 -16.17
O5' ADP D . 20.25 -14.35 -17.89
C5' ADP D . 20.73 -15.06 -19.00
C4' ADP D . 20.86 -14.06 -20.13
O4' ADP D . 19.55 -13.70 -20.51
C3' ADP D . 21.57 -12.77 -19.73
O3' ADP D . 22.41 -12.26 -20.76
C2' ADP D . 20.46 -11.77 -19.57
O2' ADP D . 20.96 -10.48 -19.89
C1' ADP D . 19.39 -12.29 -20.52
N9 ADP D . 18.03 -11.95 -20.04
C8 ADP D . 17.40 -12.52 -18.99
N7 ADP D . 16.17 -11.96 -18.76
C5 ADP D . 16.03 -11.04 -19.71
C6 ADP D . 14.99 -10.09 -20.04
N6 ADP D . 13.86 -10.09 -19.29
N1 ADP D . 15.19 -9.27 -21.10
C2 ADP D . 16.33 -9.32 -21.81
N3 ADP D . 17.34 -10.18 -21.56
C4 ADP D . 17.24 -11.03 -20.54
AL AF3 E . 23.10 -16.70 -12.41
F1 AF3 E . 22.16 -18.33 -11.98
F2 AF3 E . 24.24 -16.42 -13.89
F3 AF3 E . 23.68 -15.93 -10.79
MG MG F . -26.36 14.66 8.25
PB ADP G . -25.45 16.16 5.58
O1B ADP G . -24.30 16.71 4.84
O2B ADP G . -26.67 17.01 5.38
O3B ADP G . -25.05 15.61 6.94
PA ADP G . -26.85 13.86 5.32
O1A ADP G . -26.13 12.64 5.87
O2A ADP G . -27.90 14.68 6.04
O3A ADP G . -25.86 14.91 4.66
O5' ADP G . -27.64 13.15 4.20
C5' ADP G . -28.42 12.15 4.77
C4' ADP G . -29.76 12.12 4.09
O4' ADP G . -29.69 11.78 2.70
C3' ADP G . -30.47 10.96 4.73
O3' ADP G . -31.87 11.05 4.44
C2' ADP G . -29.84 9.77 4.05
O2' ADP G . -30.67 8.62 4.27
C1' ADP G . -29.68 10.34 2.61
N9 ADP G . -28.42 9.85 1.96
C8 ADP G . -27.17 10.36 2.02
N7 ADP G . -26.26 9.62 1.33
C5 ADP G . -26.97 8.61 0.81
C6 ADP G . -26.69 7.44 -0.04
N6 ADP G . -25.43 7.23 -0.47
N1 ADP G . -27.70 6.61 -0.34
C2 ADP G . -28.96 6.82 0.10
N3 ADP G . -29.29 7.86 0.86
C4 ADP G . -28.37 8.75 1.24
AL AF3 H . -25.39 16.52 9.08
F1 AF3 H . -26.61 17.56 8.07
F2 AF3 H . -26.15 15.87 10.72
F3 AF3 H . -23.65 17.30 9.12
#